data_4F42
# 
_entry.id   4F42 
# 
_audit_conform.dict_name       mmcif_pdbx.dic 
_audit_conform.dict_version    5.381 
_audit_conform.dict_location   http://mmcif.pdb.org/dictionaries/ascii/mmcif_pdbx.dic 
# 
loop_
_database_2.database_id 
_database_2.database_code 
_database_2.pdbx_database_accession 
_database_2.pdbx_DOI 
PDB   4F42         pdb_00004f42 10.2210/pdb4f42/pdb 
RCSB  RCSB072428   ?            ?                   
WWPDB D_1000072428 ?            ?                   
# 
_pdbx_database_related.db_name        PDB 
_pdbx_database_related.db_id          4F44 
_pdbx_database_related.details        . 
_pdbx_database_related.content_type   unspecified 
# 
_pdbx_database_status.status_code                     REL 
_pdbx_database_status.entry_id                        4F42 
_pdbx_database_status.recvd_initial_deposition_date   2012-05-09 
_pdbx_database_status.deposit_site                    RCSB 
_pdbx_database_status.process_site                    PDBJ 
_pdbx_database_status.methods_development_category    ? 
_pdbx_database_status.status_code_sf                  REL 
_pdbx_database_status.status_code_mr                  ? 
_pdbx_database_status.SG_entry                        ? 
_pdbx_database_status.status_code_cs                  ? 
_pdbx_database_status.pdb_format_compatible           Y 
_pdbx_database_status.status_code_nmr_data            ? 
# 
loop_
_audit_author.name 
_audit_author.pdbx_ordinal 
'Qu, Q.'    1 
'Jiang, T.' 2 
# 
_citation.id                        primary 
_citation.title                     'Structural insights into the allosteric activation mechanism of p75NTR' 
_citation.journal_abbrev            'To be Published' 
_citation.journal_volume            ? 
_citation.page_first                ? 
_citation.page_last                 ? 
_citation.year                      ? 
_citation.journal_id_ASTM           ? 
_citation.country                   ? 
_citation.journal_id_ISSN           ? 
_citation.journal_id_CSD            0353 
_citation.book_publisher            ? 
_citation.pdbx_database_id_PubMed   ? 
_citation.pdbx_database_id_DOI      ? 
# 
loop_
_citation_author.citation_id 
_citation_author.name 
_citation_author.ordinal 
_citation_author.identifier_ORCID 
primary 'Qu, Q.'    1 ? 
primary 'Jiang, T.' 2 ? 
# 
_cell.entry_id           4F42 
_cell.length_a           53.440 
_cell.length_b           53.440 
_cell.length_c           78.410 
_cell.angle_alpha        90.00 
_cell.angle_beta         90.00 
_cell.angle_gamma        90.00 
_cell.Z_PDB              8 
_cell.pdbx_unique_axis   ? 
# 
_symmetry.entry_id                         4F42 
_symmetry.space_group_name_H-M             'P 43 21 2' 
_symmetry.pdbx_full_space_group_name_H-M   ? 
_symmetry.cell_setting                     ? 
_symmetry.Int_Tables_number                96 
# 
loop_
_entity.id 
_entity.type 
_entity.src_method 
_entity.pdbx_description 
_entity.formula_weight 
_entity.pdbx_number_of_molecules 
_entity.pdbx_ec 
_entity.pdbx_mutation 
_entity.pdbx_fragment 
_entity.details 
1 polymer     man 'Tumor necrosis factor receptor superfamily member 16' 10631.906 1  ? ? 'death domain, UNP RESIDUES 334-418' ? 
2 non-polymer syn '5-MERCAPTO-2-NITRO-BENZOIC ACID'                      199.184   2  ? ? ?                                    ? 
3 water       nat water                                                  18.015    21 ? ? ?                                    ? 
# 
_entity_name_com.entity_id   1 
_entity_name_com.name        
'Gp80-LNGFR, Low affinity neurotrophin receptor p75NTR, Low-affinity nerve growth factor receptor, NGF receptor, p75 ICD' 
# 
_entity_poly.entity_id                      1 
_entity_poly.type                           'polypeptide(L)' 
_entity_poly.nstd_linkage                   no 
_entity_poly.nstd_monomer                   no 
_entity_poly.pdbx_seq_one_letter_code       
;MGNLYSSLPLTKREEVEKLLNGDTWRHLAGELGYQPEHIDSFTHEACPVRALLASWGAQDSATLDALLAALRRIQRADIV
ESLCSELEHHHHHH
;
_entity_poly.pdbx_seq_one_letter_code_can   
;MGNLYSSLPLTKREEVEKLLNGDTWRHLAGELGYQPEHIDSFTHEACPVRALLASWGAQDSATLDALLAALRRIQRADIV
ESLCSELEHHHHHH
;
_entity_poly.pdbx_strand_id                 A 
_entity_poly.pdbx_target_identifier         ? 
# 
loop_
_entity_poly_seq.entity_id 
_entity_poly_seq.num 
_entity_poly_seq.mon_id 
_entity_poly_seq.hetero 
1 1  MET n 
1 2  GLY n 
1 3  ASN n 
1 4  LEU n 
1 5  TYR n 
1 6  SER n 
1 7  SER n 
1 8  LEU n 
1 9  PRO n 
1 10 LEU n 
1 11 THR n 
1 12 LYS n 
1 13 ARG n 
1 14 GLU n 
1 15 GLU n 
1 16 VAL n 
1 17 GLU n 
1 18 LYS n 
1 19 LEU n 
1 20 LEU n 
1 21 ASN n 
1 22 GLY n 
1 23 ASP n 
1 24 THR n 
1 25 TRP n 
1 26 ARG n 
1 27 HIS n 
1 28 LEU n 
1 29 ALA n 
1 30 GLY n 
1 31 GLU n 
1 32 LEU n 
1 33 GLY n 
1 34 TYR n 
1 35 GLN n 
1 36 PRO n 
1 37 GLU n 
1 38 HIS n 
1 39 ILE n 
1 40 ASP n 
1 41 SER n 
1 42 PHE n 
1 43 THR n 
1 44 HIS n 
1 45 GLU n 
1 46 ALA n 
1 47 CYS n 
1 48 PRO n 
1 49 VAL n 
1 50 ARG n 
1 51 ALA n 
1 52 LEU n 
1 53 LEU n 
1 54 ALA n 
1 55 SER n 
1 56 TRP n 
1 57 GLY n 
1 58 ALA n 
1 59 GLN n 
1 60 ASP n 
1 61 SER n 
1 62 ALA n 
1 63 THR n 
1 64 LEU n 
1 65 ASP n 
1 66 ALA n 
1 67 LEU n 
1 68 LEU n 
1 69 ALA n 
1 70 ALA n 
1 71 LEU n 
1 72 ARG n 
1 73 ARG n 
1 74 ILE n 
1 75 GLN n 
1 76 ARG n 
1 77 ALA n 
1 78 ASP n 
1 79 ILE n 
1 80 VAL n 
1 81 GLU n 
1 82 SER n 
1 83 LEU n 
1 84 CYS n 
1 85 SER n 
1 86 GLU n 
1 87 LEU n 
1 88 GLU n 
1 89 HIS n 
1 90 HIS n 
1 91 HIS n 
1 92 HIS n 
1 93 HIS n 
1 94 HIS n 
# 
_entity_src_gen.entity_id                          1 
_entity_src_gen.pdbx_src_id                        1 
_entity_src_gen.pdbx_alt_source_flag               sample 
_entity_src_gen.pdbx_seq_type                      ? 
_entity_src_gen.pdbx_beg_seq_num                   ? 
_entity_src_gen.pdbx_end_seq_num                   ? 
_entity_src_gen.gene_src_common_name               'brown rat,rat,rats' 
_entity_src_gen.gene_src_genus                     ? 
_entity_src_gen.pdbx_gene_src_gene                 'Ngfr, NM_012610, Tnfrsf16' 
_entity_src_gen.gene_src_species                   ? 
_entity_src_gen.gene_src_strain                    ? 
_entity_src_gen.gene_src_tissue                    ? 
_entity_src_gen.gene_src_tissue_fraction           ? 
_entity_src_gen.gene_src_details                   ? 
_entity_src_gen.pdbx_gene_src_fragment             ? 
_entity_src_gen.pdbx_gene_src_scientific_name      'Rattus norvegicus' 
_entity_src_gen.pdbx_gene_src_ncbi_taxonomy_id     10116 
_entity_src_gen.pdbx_gene_src_variant              ? 
_entity_src_gen.pdbx_gene_src_cell_line            ? 
_entity_src_gen.pdbx_gene_src_atcc                 ? 
_entity_src_gen.pdbx_gene_src_organ                ? 
_entity_src_gen.pdbx_gene_src_organelle            ? 
_entity_src_gen.pdbx_gene_src_cell                 ? 
_entity_src_gen.pdbx_gene_src_cellular_location    ? 
_entity_src_gen.host_org_common_name               ? 
_entity_src_gen.pdbx_host_org_scientific_name      'Escherichia coli' 
_entity_src_gen.pdbx_host_org_ncbi_taxonomy_id     562 
_entity_src_gen.host_org_genus                     ? 
_entity_src_gen.pdbx_host_org_gene                 ? 
_entity_src_gen.pdbx_host_org_organ                ? 
_entity_src_gen.host_org_species                   ? 
_entity_src_gen.pdbx_host_org_tissue               ? 
_entity_src_gen.pdbx_host_org_tissue_fraction      ? 
_entity_src_gen.pdbx_host_org_strain               ? 
_entity_src_gen.pdbx_host_org_variant              ? 
_entity_src_gen.pdbx_host_org_cell_line            ? 
_entity_src_gen.pdbx_host_org_atcc                 ? 
_entity_src_gen.pdbx_host_org_culture_collection   ? 
_entity_src_gen.pdbx_host_org_cell                 ? 
_entity_src_gen.pdbx_host_org_organelle            ? 
_entity_src_gen.pdbx_host_org_cellular_location    ? 
_entity_src_gen.pdbx_host_org_vector_type          ? 
_entity_src_gen.pdbx_host_org_vector               ? 
_entity_src_gen.host_org_details                   ? 
_entity_src_gen.expression_system_id               ? 
_entity_src_gen.plasmid_name                       ? 
_entity_src_gen.plasmid_details                    ? 
_entity_src_gen.pdbx_description                   ? 
# 
_struct_ref.id                         1 
_struct_ref.db_name                    UNP 
_struct_ref.db_code                    TNR16_RAT 
_struct_ref.pdbx_db_accession          P07174 
_struct_ref.entity_id                  1 
_struct_ref.pdbx_seq_one_letter_code   
;GNLYSSLPLTKREEVEKLLNGDTWRHLAGELGYQPEHIDSFTHEACPVRALLASWGAQDSATLDALLAALRRIQRADIVE
SLCSE
;
_struct_ref.pdbx_align_begin           334 
_struct_ref.pdbx_db_isoform            ? 
# 
_struct_ref_seq.align_id                      1 
_struct_ref_seq.ref_id                        1 
_struct_ref_seq.pdbx_PDB_id_code              4F42 
_struct_ref_seq.pdbx_strand_id                A 
_struct_ref_seq.seq_align_beg                 2 
_struct_ref_seq.pdbx_seq_align_beg_ins_code   ? 
_struct_ref_seq.seq_align_end                 86 
_struct_ref_seq.pdbx_seq_align_end_ins_code   ? 
_struct_ref_seq.pdbx_db_accession             P07174 
_struct_ref_seq.db_align_beg                  334 
_struct_ref_seq.pdbx_db_align_beg_ins_code    ? 
_struct_ref_seq.db_align_end                  418 
_struct_ref_seq.pdbx_db_align_end_ins_code    ? 
_struct_ref_seq.pdbx_auth_seq_align_beg       2 
_struct_ref_seq.pdbx_auth_seq_align_end       86 
# 
loop_
_struct_ref_seq_dif.align_id 
_struct_ref_seq_dif.pdbx_pdb_id_code 
_struct_ref_seq_dif.mon_id 
_struct_ref_seq_dif.pdbx_pdb_strand_id 
_struct_ref_seq_dif.seq_num 
_struct_ref_seq_dif.pdbx_pdb_ins_code 
_struct_ref_seq_dif.pdbx_seq_db_name 
_struct_ref_seq_dif.pdbx_seq_db_accession_code 
_struct_ref_seq_dif.db_mon_id 
_struct_ref_seq_dif.pdbx_seq_db_seq_num 
_struct_ref_seq_dif.details 
_struct_ref_seq_dif.pdbx_auth_seq_num 
_struct_ref_seq_dif.pdbx_ordinal 
1 4F42 MET A 1  ? UNP P07174 ? ? 'expression tag' 1  1 
1 4F42 LEU A 87 ? UNP P07174 ? ? 'expression tag' 87 2 
1 4F42 GLU A 88 ? UNP P07174 ? ? 'expression tag' 88 3 
1 4F42 HIS A 89 ? UNP P07174 ? ? 'expression tag' 89 4 
1 4F42 HIS A 90 ? UNP P07174 ? ? 'expression tag' 90 5 
1 4F42 HIS A 91 ? UNP P07174 ? ? 'expression tag' 91 6 
1 4F42 HIS A 92 ? UNP P07174 ? ? 'expression tag' 92 7 
1 4F42 HIS A 93 ? UNP P07174 ? ? 'expression tag' 93 8 
1 4F42 HIS A 94 ? UNP P07174 ? ? 'expression tag' 94 9 
# 
loop_
_chem_comp.id 
_chem_comp.type 
_chem_comp.mon_nstd_flag 
_chem_comp.name 
_chem_comp.pdbx_synonyms 
_chem_comp.formula 
_chem_comp.formula_weight 
ALA 'L-peptide linking' y ALANINE                           ? 'C3 H7 N O2'     89.093  
ARG 'L-peptide linking' y ARGININE                          ? 'C6 H15 N4 O2 1' 175.209 
ASN 'L-peptide linking' y ASPARAGINE                        ? 'C4 H8 N2 O3'    132.118 
ASP 'L-peptide linking' y 'ASPARTIC ACID'                   ? 'C4 H7 N O4'     133.103 
CYS 'L-peptide linking' y CYSTEINE                          ? 'C3 H7 N O2 S'   121.158 
GLN 'L-peptide linking' y GLUTAMINE                         ? 'C5 H10 N2 O3'   146.144 
GLU 'L-peptide linking' y 'GLUTAMIC ACID'                   ? 'C5 H9 N O4'     147.129 
GLY 'peptide linking'   y GLYCINE                           ? 'C2 H5 N O2'     75.067  
HIS 'L-peptide linking' y HISTIDINE                         ? 'C6 H10 N3 O2 1' 156.162 
HOH non-polymer         . WATER                             ? 'H2 O'           18.015  
ILE 'L-peptide linking' y ISOLEUCINE                        ? 'C6 H13 N O2'    131.173 
LEU 'L-peptide linking' y LEUCINE                           ? 'C6 H13 N O2'    131.173 
LYS 'L-peptide linking' y LYSINE                            ? 'C6 H15 N2 O2 1' 147.195 
MET 'L-peptide linking' y METHIONINE                        ? 'C5 H11 N O2 S'  149.211 
MNB non-polymer         . '5-MERCAPTO-2-NITRO-BENZOIC ACID' ? 'C7 H5 N O4 S'   199.184 
PHE 'L-peptide linking' y PHENYLALANINE                     ? 'C9 H11 N O2'    165.189 
PRO 'L-peptide linking' y PROLINE                           ? 'C5 H9 N O2'     115.130 
SER 'L-peptide linking' y SERINE                            ? 'C3 H7 N O3'     105.093 
THR 'L-peptide linking' y THREONINE                         ? 'C4 H9 N O3'     119.119 
TRP 'L-peptide linking' y TRYPTOPHAN                        ? 'C11 H12 N2 O2'  204.225 
TYR 'L-peptide linking' y TYROSINE                          ? 'C9 H11 N O3'    181.189 
VAL 'L-peptide linking' y VALINE                            ? 'C5 H11 N O2'    117.146 
# 
_exptl.entry_id          4F42 
_exptl.method            'X-RAY DIFFRACTION' 
_exptl.crystals_number   1 
# 
_exptl_crystal.id                    1 
_exptl_crystal.density_meas          ? 
_exptl_crystal.density_Matthews      2.63 
_exptl_crystal.density_percent_sol   53.28 
_exptl_crystal.description           ? 
# 
_exptl_crystal_grow.crystal_id      1 
_exptl_crystal_grow.method          'VAPOR DIFFUSION, SITTING DROP' 
_exptl_crystal_grow.temp            277 
_exptl_crystal_grow.temp_details    ? 
_exptl_crystal_grow.pH              7.0 
_exptl_crystal_grow.pdbx_pH_range   ? 
_exptl_crystal_grow.pdbx_details    
'0.1M Bis-Tris propane pH 7.0, 1.2M sodium citrate tribasic dehydrate, VAPOR DIFFUSION, SITTING DROP, temperature 277K' 
# 
_diffrn.id                     1 
_diffrn.ambient_temp           100 
_diffrn.ambient_temp_details   ? 
_diffrn.crystal_id             1 
# 
_diffrn_detector.diffrn_id              1 
_diffrn_detector.detector               'IMAGE PLATE' 
_diffrn_detector.type                   'RIGAKU RAXIS IV++' 
_diffrn_detector.pdbx_collection_date   2009-12-10 
_diffrn_detector.details                ? 
# 
_diffrn_radiation.diffrn_id                        1 
_diffrn_radiation.wavelength_id                    1 
_diffrn_radiation.pdbx_monochromatic_or_laue_m_l   M 
_diffrn_radiation.monochromator                    graphite 
_diffrn_radiation.pdbx_diffrn_protocol             'SINGLE WAVELENGTH' 
_diffrn_radiation.pdbx_scattering_type             x-ray 
# 
_diffrn_radiation_wavelength.id           1 
_diffrn_radiation_wavelength.wavelength   1.5418 
_diffrn_radiation_wavelength.wt           1.0 
# 
_diffrn_source.diffrn_id                   1 
_diffrn_source.source                      'ROTATING ANODE' 
_diffrn_source.type                        RIGAKU 
_diffrn_source.pdbx_synchrotron_site       ? 
_diffrn_source.pdbx_synchrotron_beamline   ? 
_diffrn_source.pdbx_wavelength             ? 
_diffrn_source.pdbx_wavelength_list        1.5418 
# 
_reflns.pdbx_diffrn_id               1 
_reflns.pdbx_ordinal                 1 
_reflns.entry_id                     4F42 
_reflns.observed_criterion_sigma_I   2 
_reflns.observed_criterion_sigma_F   2 
_reflns.d_resolution_low             50 
_reflns.d_resolution_high            2.38 
_reflns.number_obs                   4678 
_reflns.number_all                   ? 
_reflns.percent_possible_obs         100 
_reflns.pdbx_Rmerge_I_obs            ? 
_reflns.pdbx_Rsym_value              ? 
_reflns.pdbx_netI_over_sigmaI        ? 
_reflns.B_iso_Wilson_estimate        ? 
_reflns.pdbx_redundancy              ? 
# 
_reflns_shell.pdbx_diffrn_id         1 
_reflns_shell.pdbx_ordinal           1 
_reflns_shell.d_res_high             2.38 
_reflns_shell.d_res_low              2.48 
_reflns_shell.percent_possible_all   100 
_reflns_shell.Rmerge_I_obs           ? 
_reflns_shell.pdbx_Rsym_value        ? 
_reflns_shell.meanI_over_sigI_obs    ? 
_reflns_shell.pdbx_redundancy        ? 
# 
_refine.pdbx_refine_id                           'X-RAY DIFFRACTION' 
_refine.entry_id                                 4F42 
_refine.pdbx_diffrn_id                           1 
_refine.pdbx_TLS_residual_ADP_flag               ? 
_refine.ls_number_reflns_obs                     4678 
_refine.ls_number_reflns_all                     ? 
_refine.pdbx_ls_sigma_I                          ? 
_refine.pdbx_ls_sigma_F                          . 
_refine.pdbx_data_cutoff_high_absF               ? 
_refine.pdbx_data_cutoff_low_absF                ? 
_refine.pdbx_data_cutoff_high_rms_absF           ? 
_refine.ls_d_res_low                             19.60 
_refine.ls_d_res_high                            2.38 
_refine.ls_percent_reflns_obs                    100.00 
_refine.ls_R_factor_obs                          0.22053 
_refine.ls_R_factor_all                          ? 
_refine.ls_R_factor_R_work                       0.21862 
_refine.ls_R_factor_R_free                       0.25969 
_refine.ls_R_factor_R_free_error                 ? 
_refine.ls_R_factor_R_free_error_details         ? 
_refine.ls_percent_reflns_R_free                 4.7 
_refine.ls_number_reflns_R_free                  229 
_refine.ls_number_parameters                     ? 
_refine.ls_number_restraints                     ? 
_refine.occupancy_min                            ? 
_refine.occupancy_max                            ? 
_refine.correlation_coeff_Fo_to_Fc               0.928 
_refine.correlation_coeff_Fo_to_Fc_free          0.903 
_refine.B_iso_mean                               24.024 
_refine.aniso_B[1][1]                            0.02 
_refine.aniso_B[2][2]                            0.02 
_refine.aniso_B[3][3]                            -0.04 
_refine.aniso_B[1][2]                            0.00 
_refine.aniso_B[1][3]                            0.00 
_refine.aniso_B[2][3]                            0.00 
_refine.solvent_model_details                    MASK 
_refine.solvent_model_param_ksol                 ? 
_refine.solvent_model_param_bsol                 ? 
_refine.pdbx_solvent_vdw_probe_radii             1.40 
_refine.pdbx_solvent_ion_probe_radii             0.80 
_refine.pdbx_solvent_shrinkage_radii             0.80 
_refine.pdbx_ls_cross_valid_method               THROUGHOUT 
_refine.details                                  'HYDROGENS HAVE BEEN ADDED IN THE RIDING POSITIONS' 
_refine.pdbx_starting_model                      1NGR 
_refine.pdbx_method_to_determine_struct          'MOLECULAR REPLACEMENT' 
_refine.pdbx_isotropic_thermal_model             ? 
_refine.pdbx_stereochemistry_target_values       'MAXIMUM LIKELIHOOD' 
_refine.pdbx_stereochem_target_val_spec_case     ? 
_refine.pdbx_R_Free_selection_details            RANDOM 
_refine.pdbx_overall_ESU_R                       0.323 
_refine.pdbx_overall_ESU_R_Free                  0.243 
_refine.overall_SU_ML                            ? 
_refine.pdbx_overall_phase_error                 ? 
_refine.overall_SU_B                             ? 
_refine.overall_SU_R_Cruickshank_DPI             ? 
_refine.pdbx_overall_SU_R_free_Cruickshank_DPI   ? 
_refine.pdbx_overall_SU_R_Blow_DPI               ? 
_refine.pdbx_overall_SU_R_free_Blow_DPI          ? 
# 
_refine_analyze.pdbx_refine_id                  'X-RAY DIFFRACTION' 
_refine_analyze.entry_id                        4F42 
_refine_analyze.Luzzati_coordinate_error_obs    ? 
_refine_analyze.Luzzati_sigma_a_obs             ? 
_refine_analyze.Luzzati_d_res_low_obs           20 
_refine_analyze.Luzzati_coordinate_error_free   0.05 
_refine_analyze.Luzzati_sigma_a_free            ? 
_refine_analyze.Luzzati_d_res_low_free          ? 
_refine_analyze.number_disordered_residues      ? 
_refine_analyze.occupancy_sum_hydrogen          ? 
_refine_analyze.occupancy_sum_non_hydrogen      ? 
# 
_refine_hist.pdbx_refine_id                   'X-RAY DIFFRACTION' 
_refine_hist.cycle_id                         LAST 
_refine_hist.pdbx_number_atoms_protein        653 
_refine_hist.pdbx_number_atoms_nucleic_acid   0 
_refine_hist.pdbx_number_atoms_ligand         26 
_refine_hist.number_atoms_solvent             21 
_refine_hist.number_atoms_total               700 
_refine_hist.d_res_high                       2.38 
_refine_hist.d_res_low                        19.60 
# 
loop_
_refine_ls_restr.type 
_refine_ls_restr.dev_ideal 
_refine_ls_restr.dev_ideal_target 
_refine_ls_restr.weight 
_refine_ls_restr.number 
_refine_ls_restr.pdbx_refine_id 
_refine_ls_restr.pdbx_restraint_function 
r_bond_refined_d             0.009  0.021  ? 691 'X-RAY DIFFRACTION' ? 
r_bond_other_d               ?      ?      ? ?   'X-RAY DIFFRACTION' ? 
r_angle_refined_deg          1.047  2.006  ? 939 'X-RAY DIFFRACTION' ? 
r_angle_other_deg            ?      ?      ? ?   'X-RAY DIFFRACTION' ? 
r_dihedral_angle_1_deg       4.167  5.000  ? 83  'X-RAY DIFFRACTION' ? 
r_dihedral_angle_2_deg       33.956 23.548 ? 31  'X-RAY DIFFRACTION' ? 
r_dihedral_angle_3_deg       13.590 15.000 ? 111 'X-RAY DIFFRACTION' ? 
r_dihedral_angle_4_deg       8.685  15.000 ? 6   'X-RAY DIFFRACTION' ? 
r_chiral_restr               0.073  0.200  ? 103 'X-RAY DIFFRACTION' ? 
r_gen_planes_refined         0.005  0.021  ? 537 'X-RAY DIFFRACTION' ? 
r_gen_planes_other           ?      ?      ? ?   'X-RAY DIFFRACTION' ? 
r_nbd_refined                ?      ?      ? ?   'X-RAY DIFFRACTION' ? 
r_nbd_other                  ?      ?      ? ?   'X-RAY DIFFRACTION' ? 
r_nbtor_refined              ?      ?      ? ?   'X-RAY DIFFRACTION' ? 
r_nbtor_other                ?      ?      ? ?   'X-RAY DIFFRACTION' ? 
r_xyhbond_nbd_refined        ?      ?      ? ?   'X-RAY DIFFRACTION' ? 
r_xyhbond_nbd_other          ?      ?      ? ?   'X-RAY DIFFRACTION' ? 
r_metal_ion_refined          ?      ?      ? ?   'X-RAY DIFFRACTION' ? 
r_metal_ion_other            ?      ?      ? ?   'X-RAY DIFFRACTION' ? 
r_symmetry_vdw_refined       ?      ?      ? ?   'X-RAY DIFFRACTION' ? 
r_symmetry_vdw_other         ?      ?      ? ?   'X-RAY DIFFRACTION' ? 
r_symmetry_hbond_refined     ?      ?      ? ?   'X-RAY DIFFRACTION' ? 
r_symmetry_hbond_other       ?      ?      ? ?   'X-RAY DIFFRACTION' ? 
r_symmetry_metal_ion_refined ?      ?      ? ?   'X-RAY DIFFRACTION' ? 
r_symmetry_metal_ion_other   ?      ?      ? ?   'X-RAY DIFFRACTION' ? 
r_mcbond_it                  0.476  1.500  ? 417 'X-RAY DIFFRACTION' ? 
r_mcbond_other               ?      ?      ? ?   'X-RAY DIFFRACTION' ? 
r_mcangle_it                 0.954  2.000  ? 663 'X-RAY DIFFRACTION' ? 
r_scbond_it                  1.384  3.000  ? 274 'X-RAY DIFFRACTION' ? 
r_scangle_it                 2.387  4.500  ? 276 'X-RAY DIFFRACTION' ? 
r_rigid_bond_restr           ?      ?      ? ?   'X-RAY DIFFRACTION' ? 
r_sphericity_free            ?      ?      ? ?   'X-RAY DIFFRACTION' ? 
r_sphericity_bonded          ?      ?      ? ?   'X-RAY DIFFRACTION' ? 
# 
_refine_ls_shell.pdbx_refine_id                   'X-RAY DIFFRACTION' 
_refine_ls_shell.pdbx_total_number_of_bins_used   20 
_refine_ls_shell.d_res_high                       2.381 
_refine_ls_shell.d_res_low                        2.442 
_refine_ls_shell.number_reflns_R_work             338 
_refine_ls_shell.R_factor_R_work                  0.314 
_refine_ls_shell.percent_reflns_obs               100.00 
_refine_ls_shell.R_factor_R_free                  0.349 
_refine_ls_shell.R_factor_R_free_error            ? 
_refine_ls_shell.percent_reflns_R_free            ? 
_refine_ls_shell.number_reflns_R_free             15 
_refine_ls_shell.number_reflns_all                ? 
_refine_ls_shell.R_factor_all                     ? 
# 
_struct.entry_id                  4F42 
_struct.title                     'Neurotrophin p75NTR intracellular domain' 
_struct.pdbx_model_details        ? 
_struct.pdbx_CASP_flag            ? 
_struct.pdbx_model_type_details   ? 
# 
_struct_keywords.entry_id        4F42 
_struct_keywords.pdbx_keywords   'SIGNALING PROTEIN' 
_struct_keywords.text            'death domain, signalling transduction, SIGNALING PROTEIN' 
# 
loop_
_struct_asym.id 
_struct_asym.pdbx_blank_PDB_chainid_flag 
_struct_asym.pdbx_modified 
_struct_asym.entity_id 
_struct_asym.details 
A N N 1 ? 
B N N 2 ? 
C N N 2 ? 
D N N 3 ? 
# 
_struct_biol.id        1 
_struct_biol.details   ? 
# 
loop_
_struct_conf.conf_type_id 
_struct_conf.id 
_struct_conf.pdbx_PDB_helix_id 
_struct_conf.beg_label_comp_id 
_struct_conf.beg_label_asym_id 
_struct_conf.beg_label_seq_id 
_struct_conf.pdbx_beg_PDB_ins_code 
_struct_conf.end_label_comp_id 
_struct_conf.end_label_asym_id 
_struct_conf.end_label_seq_id 
_struct_conf.pdbx_end_PDB_ins_code 
_struct_conf.beg_auth_comp_id 
_struct_conf.beg_auth_asym_id 
_struct_conf.beg_auth_seq_id 
_struct_conf.end_auth_comp_id 
_struct_conf.end_auth_asym_id 
_struct_conf.end_auth_seq_id 
_struct_conf.pdbx_PDB_helix_class 
_struct_conf.details 
_struct_conf.pdbx_PDB_helix_length 
HELX_P HELX_P1 1 LEU A 4  ? LEU A 8  ? LEU A 4  LEU A 8  5 ? 5  
HELX_P HELX_P2 2 PRO A 9  ? LEU A 20 ? PRO A 9  LEU A 20 1 ? 12 
HELX_P HELX_P3 3 ASP A 23 ? GLY A 33 ? ASP A 23 GLY A 33 1 ? 11 
HELX_P HELX_P4 4 GLN A 35 ? PHE A 42 ? GLN A 35 PHE A 42 1 ? 8  
HELX_P HELX_P5 5 THR A 43 ? GLU A 45 ? THR A 43 GLU A 45 5 ? 3  
HELX_P HELX_P6 6 CYS A 47 ? GLY A 57 ? CYS A 47 GLY A 57 1 ? 11 
HELX_P HELX_P7 7 THR A 63 ? ILE A 74 ? THR A 63 ILE A 74 1 ? 12 
HELX_P HELX_P8 8 ARG A 76 ? SER A 85 ? ARG A 76 SER A 85 1 ? 10 
# 
_struct_conf_type.id          HELX_P 
_struct_conf_type.criteria    ? 
_struct_conf_type.reference   ? 
# 
loop_
_struct_site.id 
_struct_site.pdbx_evidence_code 
_struct_site.pdbx_auth_asym_id 
_struct_site.pdbx_auth_comp_id 
_struct_site.pdbx_auth_seq_id 
_struct_site.pdbx_auth_ins_code 
_struct_site.pdbx_num_residues 
_struct_site.details 
AC1 Software A MNB 101 ? 7 'BINDING SITE FOR RESIDUE MNB A 101' 
AC2 Software A MNB 102 ? 5 'BINDING SITE FOR RESIDUE MNB A 102' 
# 
loop_
_struct_site_gen.id 
_struct_site_gen.site_id 
_struct_site_gen.pdbx_num_res 
_struct_site_gen.label_comp_id 
_struct_site_gen.label_asym_id 
_struct_site_gen.label_seq_id 
_struct_site_gen.pdbx_auth_ins_code 
_struct_site_gen.auth_comp_id 
_struct_site_gen.auth_asym_id 
_struct_site_gen.auth_seq_id 
_struct_site_gen.label_atom_id 
_struct_site_gen.label_alt_id 
_struct_site_gen.symmetry 
_struct_site_gen.details 
1  AC1 7 GLU A 14 ? GLU A 14 . ? 1_555 ? 
2  AC1 7 GLU A 17 ? GLU A 17 . ? 1_555 ? 
3  AC1 7 LYS A 18 ? LYS A 18 . ? 1_555 ? 
4  AC1 7 HIS A 27 ? HIS A 27 . ? 4_455 ? 
5  AC1 7 ALA A 46 ? ALA A 46 . ? 1_555 ? 
6  AC1 7 CYS A 47 ? CYS A 47 . ? 1_555 ? 
7  AC1 7 ARG A 50 ? ARG A 50 . ? 1_555 ? 
8  AC2 5 LYS A 12 ? LYS A 12 . ? 1_555 ? 
9  AC2 5 GLU A 37 ? GLU A 37 . ? 6_555 ? 
10 AC2 5 LEU A 64 ? LEU A 64 . ? 1_555 ? 
11 AC2 5 LEU A 68 ? LEU A 68 . ? 1_555 ? 
12 AC2 5 CYS A 84 ? CYS A 84 . ? 1_555 ? 
# 
_atom_sites.entry_id                    4F42 
_atom_sites.fract_transf_matrix[1][1]   -0.00921452 
_atom_sites.fract_transf_matrix[1][2]   -0.01487299 
_atom_sites.fract_transf_matrix[1][3]   0.00663802 
_atom_sites.fract_transf_matrix[2][1]   -0.01605056 
_atom_sites.fract_transf_matrix[2][2]   0.00699723 
_atom_sites.fract_transf_matrix[2][3]   -0.00660264 
_atom_sites.fract_transf_matrix[3][1]   0.00188479 
_atom_sites.fract_transf_matrix[3][2]   -0.00609593 
_atom_sites.fract_transf_matrix[3][3]   -0.01104202 
_atom_sites.fract_transf_vector[1]      0.084564 
_atom_sites.fract_transf_vector[2]      0.287286 
_atom_sites.fract_transf_vector[3]      0.173596 
# 
loop_
_atom_type.symbol 
C 
N 
O 
S 
# 
loop_
_atom_site.group_PDB 
_atom_site.id 
_atom_site.type_symbol 
_atom_site.label_atom_id 
_atom_site.label_alt_id 
_atom_site.label_comp_id 
_atom_site.label_asym_id 
_atom_site.label_entity_id 
_atom_site.label_seq_id 
_atom_site.pdbx_PDB_ins_code 
_atom_site.Cartn_x 
_atom_site.Cartn_y 
_atom_site.Cartn_z 
_atom_site.occupancy 
_atom_site.B_iso_or_equiv 
_atom_site.pdbx_formal_charge 
_atom_site.auth_seq_id 
_atom_site.auth_comp_id 
_atom_site.auth_asym_id 
_atom_site.auth_atom_id 
_atom_site.pdbx_PDB_model_num 
ATOM   1   N N   . GLY A 1 2  ? 6.035   -13.055 5.750   1.00 35.21 ? 2   GLY A N   1 
ATOM   2   C CA  . GLY A 1 2  ? 7.201   -13.734 5.106   1.00 35.22 ? 2   GLY A CA  1 
ATOM   3   C C   . GLY A 1 2  ? 7.637   -13.086 3.795   1.00 34.94 ? 2   GLY A C   1 
ATOM   4   O O   . GLY A 1 2  ? 8.815   -12.707 3.623   1.00 35.16 ? 2   GLY A O   1 
ATOM   5   N N   . ASN A 1 3  ? 6.694   -12.961 2.864   1.00 33.98 ? 3   ASN A N   1 
ATOM   6   C CA  . ASN A 1 3  ? 7.014   -12.436 1.547   1.00 33.26 ? 3   ASN A CA  1 
ATOM   7   C C   . ASN A 1 3  ? 7.042   -10.910 1.518   1.00 32.01 ? 3   ASN A C   1 
ATOM   8   O O   . ASN A 1 3  ? 6.094   -10.260 1.955   1.00 31.51 ? 3   ASN A O   1 
ATOM   9   C CB  . ASN A 1 3  ? 6.109   -13.029 0.439   1.00 33.90 ? 3   ASN A CB  1 
ATOM   10  C CG  . ASN A 1 3  ? 4.650   -13.255 0.883   1.00 35.68 ? 3   ASN A CG  1 
ATOM   11  O OD1 . ASN A 1 3  ? 4.317   -13.244 2.074   1.00 37.78 ? 3   ASN A OD1 1 
ATOM   12  N ND2 . ASN A 1 3  ? 3.776   -13.487 -0.098  1.00 38.00 ? 3   ASN A ND2 1 
ATOM   13  N N   . LEU A 1 4  ? 8.157   -10.358 1.034   1.00 30.58 ? 4   LEU A N   1 
ATOM   14  C CA  . LEU A 1 4  ? 8.283   -8.926  0.795   1.00 29.54 ? 4   LEU A CA  1 
ATOM   15  C C   . LEU A 1 4  ? 7.243   -8.501  -0.225  1.00 28.78 ? 4   LEU A C   1 
ATOM   16  O O   . LEU A 1 4  ? 7.022   -9.199  -1.217  1.00 29.00 ? 4   LEU A O   1 
ATOM   17  C CB  . LEU A 1 4  ? 9.676   -8.569  0.266   1.00 29.29 ? 4   LEU A CB  1 
ATOM   18  C CG  . LEU A 1 4  ? 10.920  -8.629  1.157   1.00 29.98 ? 4   LEU A CG  1 
ATOM   19  C CD1 . LEU A 1 4  ? 12.164  -8.344  0.320   1.00 29.68 ? 4   LEU A CD1 1 
ATOM   20  C CD2 . LEU A 1 4  ? 10.848  -7.666  2.344   1.00 30.50 ? 4   LEU A CD2 1 
ATOM   21  N N   . TYR A 1 5  ? 6.605   -7.363  0.018   1.00 27.96 ? 5   TYR A N   1 
ATOM   22  C CA  . TYR A 1 5  ? 5.679   -6.798  -0.952  1.00 27.27 ? 5   TYR A CA  1 
ATOM   23  C C   . TYR A 1 5  ? 6.351   -6.623  -2.325  1.00 27.14 ? 5   TYR A C   1 
ATOM   24  O O   . TYR A 1 5  ? 5.798   -7.029  -3.342  1.00 26.63 ? 5   TYR A O   1 
ATOM   25  C CB  . TYR A 1 5  ? 5.084   -5.468  -0.463  1.00 26.83 ? 5   TYR A CB  1 
ATOM   26  C CG  . TYR A 1 5  ? 4.184   -4.854  -1.509  1.00 26.14 ? 5   TYR A CG  1 
ATOM   27  C CD1 . TYR A 1 5  ? 2.848   -5.249  -1.622  1.00 25.40 ? 5   TYR A CD1 1 
ATOM   28  C CD2 . TYR A 1 5  ? 4.678   -3.923  -2.427  1.00 24.94 ? 5   TYR A CD2 1 
ATOM   29  C CE1 . TYR A 1 5  ? 2.026   -4.720  -2.605  1.00 24.39 ? 5   TYR A CE1 1 
ATOM   30  C CE2 . TYR A 1 5  ? 3.859   -3.390  -3.416  1.00 24.23 ? 5   TYR A CE2 1 
ATOM   31  C CZ  . TYR A 1 5  ? 2.538   -3.788  -3.498  1.00 24.44 ? 5   TYR A CZ  1 
ATOM   32  O OH  . TYR A 1 5  ? 1.729   -3.263  -4.481  1.00 24.96 ? 5   TYR A OH  1 
ATOM   33  N N   . SER A 1 6  ? 7.545   -6.034  -2.332  1.00 27.21 ? 6   SER A N   1 
ATOM   34  C CA  . SER A 1 6  ? 8.280   -5.720  -3.561  1.00 27.47 ? 6   SER A CA  1 
ATOM   35  C C   . SER A 1 6  ? 8.586   -6.920  -4.457  1.00 27.79 ? 6   SER A C   1 
ATOM   36  O O   . SER A 1 6  ? 8.899   -6.741  -5.627  1.00 28.16 ? 6   SER A O   1 
ATOM   37  C CB  . SER A 1 6  ? 9.586   -4.974  -3.230  1.00 27.67 ? 6   SER A CB  1 
ATOM   38  O OG  . SER A 1 6  ? 10.525  -5.809  -2.563  1.00 27.44 ? 6   SER A OG  1 
ATOM   39  N N   . SER A 1 7  ? 8.499   -8.129  -3.904  1.00 28.16 ? 7   SER A N   1 
ATOM   40  C CA  . SER A 1 7  ? 8.793   -9.370  -4.630  1.00 28.14 ? 7   SER A CA  1 
ATOM   41  C C   . SER A 1 7  ? 7.589   -9.948  -5.357  1.00 27.93 ? 7   SER A C   1 
ATOM   42  O O   . SER A 1 7  ? 7.741   -10.835 -6.196  1.00 27.92 ? 7   SER A O   1 
ATOM   43  C CB  . SER A 1 7  ? 9.343   -10.429 -3.670  1.00 28.28 ? 7   SER A CB  1 
ATOM   44  O OG  . SER A 1 7  ? 10.582  -10.011 -3.125  1.00 29.74 ? 7   SER A OG  1 
ATOM   45  N N   . LEU A 1 8  ? 6.395   -9.469  -5.021  1.00 27.74 ? 8   LEU A N   1 
ATOM   46  C CA  . LEU A 1 8  ? 5.181   -9.906  -5.701  1.00 27.68 ? 8   LEU A CA  1 
ATOM   47  C C   . LEU A 1 8  ? 5.258   -9.620  -7.200  1.00 27.80 ? 8   LEU A C   1 
ATOM   48  O O   . LEU A 1 8  ? 5.893   -8.654  -7.620  1.00 27.44 ? 8   LEU A O   1 
ATOM   49  C CB  . LEU A 1 8  ? 3.946   -9.240  -5.090  1.00 27.62 ? 8   LEU A CB  1 
ATOM   50  C CG  . LEU A 1 8  ? 3.633   -9.554  -3.622  1.00 27.49 ? 8   LEU A CG  1 
ATOM   51  C CD1 . LEU A 1 8  ? 2.536   -8.625  -3.099  1.00 25.79 ? 8   LEU A CD1 1 
ATOM   52  C CD2 . LEU A 1 8  ? 3.258   -11.024 -3.433  1.00 27.34 ? 8   LEU A CD2 1 
ATOM   53  N N   . PRO A 1 9  ? 4.639   -10.479 -8.021  1.00 28.20 ? 9   PRO A N   1 
ATOM   54  C CA  . PRO A 1 9  ? 4.652   -10.183 -9.452  1.00 28.54 ? 9   PRO A CA  1 
ATOM   55  C C   . PRO A 1 9  ? 3.883   -8.905  -9.764  1.00 28.89 ? 9   PRO A C   1 
ATOM   56  O O   . PRO A 1 9  ? 2.907   -8.592  -9.084  1.00 29.24 ? 9   PRO A O   1 
ATOM   57  C CB  . PRO A 1 9  ? 3.954   -11.398 -10.080 1.00 28.59 ? 9   PRO A CB  1 
ATOM   58  C CG  . PRO A 1 9  ? 3.331   -12.143 -8.960  1.00 28.50 ? 9   PRO A CG  1 
ATOM   59  C CD  . PRO A 1 9  ? 4.142   -11.835 -7.742  1.00 28.25 ? 9   PRO A CD  1 
ATOM   60  N N   . LEU A 1 10 ? 4.321   -8.171  -10.781 1.00 28.99 ? 10  LEU A N   1 
ATOM   61  C CA  . LEU A 1 10 ? 3.638   -6.950  -11.197 1.00 29.36 ? 10  LEU A CA  1 
ATOM   62  C C   . LEU A 1 10 ? 2.118   -7.135  -11.238 1.00 29.46 ? 10  LEU A C   1 
ATOM   63  O O   . LEU A 1 10 ? 1.359   -6.239  -10.840 1.00 29.29 ? 10  LEU A O   1 
ATOM   64  C CB  . LEU A 1 10 ? 4.153   -6.509  -12.571 1.00 29.59 ? 10  LEU A CB  1 
ATOM   65  C CG  . LEU A 1 10 ? 3.643   -5.215  -13.209 1.00 29.93 ? 10  LEU A CG  1 
ATOM   66  C CD1 . LEU A 1 10 ? 4.186   -3.969  -12.502 1.00 29.29 ? 10  LEU A CD1 1 
ATOM   67  C CD2 . LEU A 1 10 ? 4.038   -5.218  -14.671 1.00 30.96 ? 10  LEU A CD2 1 
ATOM   68  N N   . THR A 1 11 ? 1.689   -8.306  -11.709 1.00 29.63 ? 11  THR A N   1 
ATOM   69  C CA  . THR A 1 11 ? 0.264   -8.608  -11.884 1.00 29.94 ? 11  THR A CA  1 
ATOM   70  C C   . THR A 1 11 ? -0.546  -8.542  -10.567 1.00 29.68 ? 11  THR A C   1 
ATOM   71  O O   . THR A 1 11 ? -1.660  -7.997  -10.549 1.00 29.82 ? 11  THR A O   1 
ATOM   72  C CB  . THR A 1 11 ? 0.048   -9.948  -12.652 1.00 30.18 ? 11  THR A CB  1 
ATOM   73  O OG1 . THR A 1 11 ? -1.343  -10.106 -12.944 1.00 31.00 ? 11  THR A OG1 1 
ATOM   74  C CG2 . THR A 1 11 ? 0.564   -11.170 -11.856 1.00 29.88 ? 11  THR A CG2 1 
ATOM   75  N N   . LYS A 1 12 ? 0.036   -9.062  -9.483  1.00 29.05 ? 12  LYS A N   1 
ATOM   76  C CA  . LYS A 1 12 ? -0.543  -8.957  -8.141  1.00 28.87 ? 12  LYS A CA  1 
ATOM   77  C C   . LYS A 1 12 ? -0.480  -7.523  -7.622  1.00 28.49 ? 12  LYS A C   1 
ATOM   78  O O   . LYS A 1 12 ? -1.458  -7.007  -7.088  1.00 28.43 ? 12  LYS A O   1 
ATOM   79  C CB  . LYS A 1 12 ? 0.161   -9.904  -7.161  1.00 28.91 ? 12  LYS A CB  1 
ATOM   80  C CG  . LYS A 1 12 ? -0.273  -11.382 -7.249  1.00 30.46 ? 12  LYS A CG  1 
ATOM   81  C CD  . LYS A 1 12 ? 0.609   -12.269 -6.334  1.00 33.10 ? 12  LYS A CD  1 
ATOM   82  C CE  . LYS A 1 12 ? 0.439   -13.790 -6.557  1.00 33.73 ? 12  LYS A CE  1 
ATOM   83  N NZ  . LYS A 1 12 ? 1.100   -14.601 -5.470  1.00 33.79 ? 12  LYS A NZ  1 
ATOM   84  N N   . ARG A 1 13 ? 0.668   -6.875  -7.796  1.00 28.19 ? 13  ARG A N   1 
ATOM   85  C CA  . ARG A 1 13 ? 0.841   -5.501  -7.332  1.00 27.92 ? 13  ARG A CA  1 
ATOM   86  C C   . ARG A 1 13 ? -0.115  -4.506  -7.992  1.00 28.22 ? 13  ARG A C   1 
ATOM   87  O O   . ARG A 1 13 ? -0.591  -3.576  -7.337  1.00 28.15 ? 13  ARG A O   1 
ATOM   88  C CB  . ARG A 1 13 ? 2.296   -5.056  -7.442  1.00 27.38 ? 13  ARG A CB  1 
ATOM   89  C CG  . ARG A 1 13 ? 3.180   -5.734  -6.404  1.00 26.81 ? 13  ARG A CG  1 
ATOM   90  C CD  . ARG A 1 13 ? 4.560   -5.136  -6.327  1.00 25.33 ? 13  ARG A CD  1 
ATOM   91  N NE  . ARG A 1 13 ? 5.390   -5.525  -7.460  1.00 25.27 ? 13  ARG A NE  1 
ATOM   92  C CZ  . ARG A 1 13 ? 5.629   -4.760  -8.520  1.00 25.56 ? 13  ARG A CZ  1 
ATOM   93  N NH1 . ARG A 1 13 ? 5.100   -3.541  -8.602  1.00 23.44 ? 13  ARG A NH1 1 
ATOM   94  N NH2 . ARG A 1 13 ? 6.401   -5.218  -9.501  1.00 24.39 ? 13  ARG A NH2 1 
ATOM   95  N N   . GLU A 1 14 ? -0.427  -4.718  -9.266  1.00 28.52 ? 14  GLU A N   1 
ATOM   96  C CA  . GLU A 1 14 ? -1.420  -3.877  -9.935  1.00 29.17 ? 14  GLU A CA  1 
ATOM   97  C C   . GLU A 1 14 ? -2.871  -4.105  -9.447  1.00 29.01 ? 14  GLU A C   1 
ATOM   98  O O   . GLU A 1 14 ? -3.699  -3.200  -9.535  1.00 28.88 ? 14  GLU A O   1 
ATOM   99  C CB  . GLU A 1 14 ? -1.279  -3.943  -11.467 1.00 29.40 ? 14  GLU A CB  1 
ATOM   100 C CG  . GLU A 1 14 ? 0.001   -3.226  -11.973 1.00 31.36 ? 14  GLU A CG  1 
ATOM   101 C CD  . GLU A 1 14 ? 0.093   -3.087  -13.502 1.00 34.40 ? 14  GLU A CD  1 
ATOM   102 O OE1 . GLU A 1 14 ? 0.623   -2.053  -13.979 1.00 33.87 ? 14  GLU A OE1 1 
ATOM   103 O OE2 . GLU A 1 14 ? -0.351  -4.013  -14.226 1.00 35.98 ? 14  GLU A OE2 1 
ATOM   104 N N   . GLU A 1 15 ? -3.168  -5.291  -8.910  1.00 28.95 ? 15  GLU A N   1 
ATOM   105 C CA  . GLU A 1 15 ? -4.454  -5.523  -8.238  1.00 28.97 ? 15  GLU A CA  1 
ATOM   106 C C   . GLU A 1 15 ? -4.510  -4.724  -6.929  1.00 28.08 ? 15  GLU A C   1 
ATOM   107 O O   . GLU A 1 15 ? -5.464  -3.989  -6.674  1.00 28.03 ? 15  GLU A O   1 
ATOM   108 C CB  . GLU A 1 15 ? -4.685  -7.015  -7.957  1.00 29.53 ? 15  GLU A CB  1 
ATOM   109 C CG  . GLU A 1 15 ? -4.968  -7.891  -9.188  1.00 32.12 ? 15  GLU A CG  1 
ATOM   110 C CD  . GLU A 1 15 ? -4.729  -9.394  -8.916  1.00 36.45 ? 15  GLU A CD  1 
ATOM   111 O OE1 . GLU A 1 15 ? -4.913  -9.843  -7.745  1.00 36.96 ? 15  GLU A OE1 1 
ATOM   112 O OE2 . GLU A 1 15 ? -4.353  -10.122 -9.874  1.00 36.51 ? 15  GLU A OE2 1 
ATOM   113 N N   . VAL A 1 16 ? -3.472  -4.870  -6.112  1.00 27.31 ? 16  VAL A N   1 
ATOM   114 C CA  . VAL A 1 16 ? -3.311  -4.090  -4.886  1.00 26.56 ? 16  VAL A CA  1 
ATOM   115 C C   . VAL A 1 16 ? -3.479  -2.587  -5.172  1.00 26.41 ? 16  VAL A C   1 
ATOM   116 O O   . VAL A 1 16 ? -4.292  -1.919  -4.527  1.00 26.30 ? 16  VAL A O   1 
ATOM   117 C CB  . VAL A 1 16 ? -1.941  -4.386  -4.211  1.00 26.41 ? 16  VAL A CB  1 
ATOM   118 C CG1 . VAL A 1 16 ? -1.698  -3.466  -3.036  1.00 25.90 ? 16  VAL A CG1 1 
ATOM   119 C CG2 . VAL A 1 16 ? -1.865  -5.842  -3.771  1.00 25.79 ? 16  VAL A CG2 1 
ATOM   120 N N   . GLU A 1 17 ? -2.735  -2.082  -6.157  1.00 26.07 ? 17  GLU A N   1 
ATOM   121 C CA  . GLU A 1 17 ? -2.781  -0.665  -6.547  1.00 26.13 ? 17  GLU A CA  1 
ATOM   122 C C   . GLU A 1 17 ? -4.179  -0.204  -6.956  1.00 26.30 ? 17  GLU A C   1 
ATOM   123 O O   . GLU A 1 17 ? -4.602  0.897   -6.607  1.00 26.37 ? 17  GLU A O   1 
ATOM   124 C CB  . GLU A 1 17 ? -1.809  -0.394  -7.696  1.00 25.90 ? 17  GLU A CB  1 
ATOM   125 C CG  . GLU A 1 17 ? -0.359  -0.263  -7.276  1.00 25.45 ? 17  GLU A CG  1 
ATOM   126 C CD  . GLU A 1 17 ? 0.596   -0.315  -8.453  1.00 25.22 ? 17  GLU A CD  1 
ATOM   127 O OE1 . GLU A 1 17 ? 0.170   -0.009  -9.581  1.00 24.55 ? 17  GLU A OE1 1 
ATOM   128 O OE2 . GLU A 1 17 ? 1.777   -0.666  -8.252  1.00 25.81 ? 17  GLU A OE2 1 
ATOM   129 N N   . LYS A 1 18 ? -4.882  -1.049  -7.704  1.00 26.68 ? 18  LYS A N   1 
ATOM   130 C CA  . LYS A 1 18 ? -6.232  -0.748  -8.173  1.00 26.91 ? 18  LYS A CA  1 
ATOM   131 C C   . LYS A 1 18 ? -7.180  -0.549  -6.997  1.00 26.34 ? 18  LYS A C   1 
ATOM   132 O O   . LYS A 1 18 ? -7.998  0.353   -7.011  1.00 26.31 ? 18  LYS A O   1 
ATOM   133 C CB  . LYS A 1 18 ? -6.748  -1.860  -9.087  1.00 27.13 ? 18  LYS A CB  1 
ATOM   134 C CG  . LYS A 1 18 ? -7.979  -1.482  -9.917  1.00 30.20 ? 18  LYS A CG  1 
ATOM   135 C CD  . LYS A 1 18 ? -7.590  -0.924  -11.288 1.00 34.21 ? 18  LYS A CD  1 
ATOM   136 C CE  . LYS A 1 18 ? -8.816  -0.712  -12.182 1.00 36.49 ? 18  LYS A CE  1 
ATOM   137 N NZ  . LYS A 1 18 ? -9.355  -1.996  -12.730 1.00 36.86 ? 18  LYS A NZ  1 
ATOM   138 N N   . LEU A 1 19 ? -7.044  -1.388  -5.977  1.00 25.77 ? 19  LEU A N   1 
ATOM   139 C CA  . LEU A 1 19 ? -7.941  -1.361  -4.823  1.00 25.27 ? 19  LEU A CA  1 
ATOM   140 C C   . LEU A 1 19 ? -7.663  -0.190  -3.897  1.00 24.93 ? 19  LEU A C   1 
ATOM   141 O O   . LEU A 1 19 ? -8.525  0.196   -3.101  1.00 24.54 ? 19  LEU A O   1 
ATOM   142 C CB  . LEU A 1 19 ? -7.873  -2.692  -4.051  1.00 24.95 ? 19  LEU A CB  1 
ATOM   143 C CG  . LEU A 1 19 ? -8.521  -3.880  -4.769  1.00 24.89 ? 19  LEU A CG  1 
ATOM   144 C CD1 . LEU A 1 19 ? -8.096  -5.189  -4.129  1.00 24.66 ? 19  LEU A CD1 1 
ATOM   145 C CD2 . LEU A 1 19 ? -10.046 -3.753  -4.805  1.00 23.64 ? 19  LEU A CD2 1 
ATOM   146 N N   . LEU A 1 20 ? -6.457  0.366   -4.010  1.00 25.04 ? 20  LEU A N   1 
ATOM   147 C CA  . LEU A 1 20 ? -6.045  1.507   -3.193  1.00 25.51 ? 20  LEU A CA  1 
ATOM   148 C C   . LEU A 1 20 ? -6.263  2.857   -3.886  1.00 26.32 ? 20  LEU A C   1 
ATOM   149 O O   . LEU A 1 20 ? -5.756  3.888   -3.431  1.00 26.42 ? 20  LEU A O   1 
ATOM   150 C CB  . LEU A 1 20 ? -4.594  1.347   -2.738  1.00 25.09 ? 20  LEU A CB  1 
ATOM   151 C CG  . LEU A 1 20 ? -4.262  0.082   -1.940  1.00 24.53 ? 20  LEU A CG  1 
ATOM   152 C CD1 . LEU A 1 20 ? -2.757  -0.040  -1.718  1.00 23.15 ? 20  LEU A CD1 1 
ATOM   153 C CD2 . LEU A 1 20 ? -5.015  0.046   -0.629  1.00 22.63 ? 20  LEU A CD2 1 
ATOM   154 N N   . ASN A 1 21 ? -7.041  2.833   -4.971  1.00 27.39 ? 21  ASN A N   1 
ATOM   155 C CA  . ASN A 1 21 ? -7.428  4.026   -5.724  1.00 28.62 ? 21  ASN A CA  1 
ATOM   156 C C   . ASN A 1 21 ? -8.225  5.026   -4.891  1.00 28.42 ? 21  ASN A C   1 
ATOM   157 O O   . ASN A 1 21 ? -8.644  4.720   -3.768  1.00 28.73 ? 21  ASN A O   1 
ATOM   158 C CB  . ASN A 1 21 ? -8.205  3.651   -7.010  1.00 29.32 ? 21  ASN A CB  1 
ATOM   159 C CG  . ASN A 1 21 ? -9.584  3.022   -6.727  1.00 31.67 ? 21  ASN A CG  1 
ATOM   160 O OD1 . ASN A 1 21 ? -10.431 3.603   -6.039  1.00 34.44 ? 21  ASN A OD1 1 
ATOM   161 N ND2 . ASN A 1 21 ? -9.817  1.840   -7.295  1.00 34.24 ? 21  ASN A ND2 1 
ATOM   162 N N   . GLY A 1 22 ? -8.437  6.215   -5.453  1.00 28.41 ? 22  GLY A N   1 
ATOM   163 C CA  . GLY A 1 22 ? -9.137  7.287   -4.757  1.00 27.72 ? 22  GLY A CA  1 
ATOM   164 C C   . GLY A 1 22 ? -8.202  7.800   -3.693  1.00 27.50 ? 22  GLY A C   1 
ATOM   165 O O   . GLY A 1 22 ? -7.033  8.065   -3.978  1.00 27.23 ? 22  GLY A O   1 
ATOM   166 N N   . ASP A 1 23 ? -8.708  7.902   -2.465  1.00 27.20 ? 23  ASP A N   1 
ATOM   167 C CA  . ASP A 1 23 ? -7.903  8.355   -1.332  1.00 27.23 ? 23  ASP A CA  1 
ATOM   168 C C   . ASP A 1 23 ? -7.435  7.233   -0.402  1.00 26.24 ? 23  ASP A C   1 
ATOM   169 O O   . ASP A 1 23 ? -6.756  7.495   0.591   1.00 26.70 ? 23  ASP A O   1 
ATOM   170 C CB  . ASP A 1 23 ? -8.652  9.422   -0.530  1.00 27.93 ? 23  ASP A CB  1 
ATOM   171 C CG  . ASP A 1 23 ? -9.019  10.637  -1.374  1.00 30.66 ? 23  ASP A CG  1 
ATOM   172 O OD1 . ASP A 1 23 ? -8.099  11.333  -1.877  1.00 31.18 ? 23  ASP A OD1 1 
ATOM   173 O OD2 . ASP A 1 23 ? -10.240 10.891  -1.523  1.00 33.90 ? 23  ASP A OD2 1 
ATOM   174 N N   . THR A 1 24 ? -7.774  5.991   -0.724  1.00 24.88 ? 24  THR A N   1 
ATOM   175 C CA  . THR A 1 24 ? -7.425  4.863   0.141   1.00 23.72 ? 24  THR A CA  1 
ATOM   176 C C   . THR A 1 24 ? -5.912  4.769   0.404   1.00 23.09 ? 24  THR A C   1 
ATOM   177 O O   . THR A 1 24 ? -5.489  4.459   1.524   1.00 22.75 ? 24  THR A O   1 
ATOM   178 C CB  . THR A 1 24 ? -7.985  3.535   -0.405  1.00 23.66 ? 24  THR A CB  1 
ATOM   179 O OG1 . THR A 1 24 ? -9.345  3.726   -0.819  1.00 24.04 ? 24  THR A OG1 1 
ATOM   180 C CG2 . THR A 1 24 ? -7.956  2.468   0.665   1.00 23.46 ? 24  THR A CG2 1 
ATOM   181 N N   . TRP A 1 25 ? -5.103  5.072   -0.614  1.00 22.42 ? 25  TRP A N   1 
ATOM   182 C CA  . TRP A 1 25 ? -3.644  5.043   -0.468  1.00 21.71 ? 25  TRP A CA  1 
ATOM   183 C C   . TRP A 1 25 ? -3.159  6.053   0.576   1.00 21.81 ? 25  TRP A C   1 
ATOM   184 O O   . TRP A 1 25 ? -2.214  5.777   1.323   1.00 21.75 ? 25  TRP A O   1 
ATOM   185 C CB  . TRP A 1 25 ? -2.941  5.257   -1.815  1.00 21.36 ? 25  TRP A CB  1 
ATOM   186 C CG  . TRP A 1 25 ? -3.051  6.645   -2.367  1.00 20.25 ? 25  TRP A CG  1 
ATOM   187 C CD1 . TRP A 1 25 ? -4.092  7.162   -3.078  1.00 19.44 ? 25  TRP A CD1 1 
ATOM   188 C CD2 . TRP A 1 25 ? -2.082  7.699   -2.250  1.00 19.36 ? 25  TRP A CD2 1 
ATOM   189 N NE1 . TRP A 1 25 ? -3.835  8.466   -3.413  1.00 19.55 ? 25  TRP A NE1 1 
ATOM   190 C CE2 . TRP A 1 25 ? -2.606  8.821   -2.922  1.00 18.86 ? 25  TRP A CE2 1 
ATOM   191 C CE3 . TRP A 1 25 ? -0.820  7.800   -1.647  1.00 18.53 ? 25  TRP A CE3 1 
ATOM   192 C CZ2 . TRP A 1 25 ? -1.916  10.032  -3.008  1.00 18.24 ? 25  TRP A CZ2 1 
ATOM   193 C CZ3 . TRP A 1 25 ? -0.138  9.005   -1.728  1.00 17.74 ? 25  TRP A CZ3 1 
ATOM   194 C CH2 . TRP A 1 25 ? -0.688  10.104  -2.402  1.00 18.24 ? 25  TRP A CH2 1 
ATOM   195 N N   . ARG A 1 26 ? -3.815  7.211   0.629   1.00 21.53 ? 26  ARG A N   1 
ATOM   196 C CA  . ARG A 1 26 ? -3.527  8.218   1.660   1.00 21.63 ? 26  ARG A CA  1 
ATOM   197 C C   . ARG A 1 26 ? -3.831  7.693   3.071   1.00 21.13 ? 26  ARG A C   1 
ATOM   198 O O   . ARG A 1 26 ? -3.021  7.843   3.981   1.00 21.51 ? 26  ARG A O   1 
ATOM   199 C CB  . ARG A 1 26 ? -4.287  9.522   1.383   1.00 21.43 ? 26  ARG A CB  1 
ATOM   200 C CG  . ARG A 1 26 ? -4.034  10.108  -0.017  1.00 22.87 ? 26  ARG A CG  1 
ATOM   201 C CD  . ARG A 1 26 ? -4.712  11.461  -0.209  1.00 24.87 ? 26  ARG A CD  1 
ATOM   202 N NE  . ARG A 1 26 ? -4.236  12.404  0.803   1.00 28.89 ? 26  ARG A NE  1 
ATOM   203 C CZ  . ARG A 1 26 ? -3.297  13.330  0.601   1.00 29.59 ? 26  ARG A CZ  1 
ATOM   204 N NH1 . ARG A 1 26 ? -2.736  13.481  -0.598  1.00 29.45 ? 26  ARG A NH1 1 
ATOM   205 N NH2 . ARG A 1 26 ? -2.930  14.117  1.602   1.00 29.46 ? 26  ARG A NH2 1 
ATOM   206 N N   . HIS A 1 27 ? -4.986  7.060   3.239   1.00 20.65 ? 27  HIS A N   1 
ATOM   207 C CA  . HIS A 1 27 ? -5.382  6.498   4.533   1.00 20.22 ? 27  HIS A CA  1 
ATOM   208 C C   . HIS A 1 27 ? -4.374  5.434   4.964   1.00 19.87 ? 27  HIS A C   1 
ATOM   209 O O   . HIS A 1 27 ? -3.915  5.424   6.109   1.00 19.37 ? 27  HIS A O   1 
ATOM   210 C CB  . HIS A 1 27 ? -6.808  5.921   4.472   1.00 20.10 ? 27  HIS A CB  1 
ATOM   211 C CG  . HIS A 1 27 ? -7.803  6.827   3.802   1.00 19.79 ? 27  HIS A CG  1 
ATOM   212 N ND1 . HIS A 1 27 ? -8.855  6.351   3.049   1.00 19.11 ? 27  HIS A ND1 1 
ATOM   213 C CD2 . HIS A 1 27 ? -7.888  8.179   3.754   1.00 18.19 ? 27  HIS A CD2 1 
ATOM   214 C CE1 . HIS A 1 27 ? -9.555  7.371   2.582   1.00 18.92 ? 27  HIS A CE1 1 
ATOM   215 N NE2 . HIS A 1 27 ? -8.990  8.491   2.998   1.00 17.70 ? 27  HIS A NE2 1 
ATOM   216 N N   . LEU A 1 28 ? -4.015  4.565   4.021   1.00 19.55 ? 28  LEU A N   1 
ATOM   217 C CA  . LEU A 1 28 ? -3.031  3.506   4.257   1.00 19.33 ? 28  LEU A CA  1 
ATOM   218 C C   . LEU A 1 28 ? -1.657  4.063   4.607   1.00 19.26 ? 28  LEU A C   1 
ATOM   219 O O   . LEU A 1 28 ? -1.019  3.605   5.558   1.00 19.65 ? 28  LEU A O   1 
ATOM   220 C CB  . LEU A 1 28 ? -2.940  2.585   3.041   1.00 19.16 ? 28  LEU A CB  1 
ATOM   221 C CG  . LEU A 1 28 ? -1.840  1.533   3.003   1.00 19.28 ? 28  LEU A CG  1 
ATOM   222 C CD1 . LEU A 1 28 ? -2.068  0.495   4.086   1.00 19.33 ? 28  LEU A CD1 1 
ATOM   223 C CD2 . LEU A 1 28 ? -1.828  0.881   1.638   1.00 19.44 ? 28  LEU A CD2 1 
ATOM   224 N N   . ALA A 1 29 ? -1.203  5.050   3.840   1.00 19.16 ? 29  ALA A N   1 
ATOM   225 C CA  . ALA A 1 29 ? 0.084   5.669   4.093   1.00 19.08 ? 29  ALA A CA  1 
ATOM   226 C C   . ALA A 1 29 ? 0.144   6.224   5.518   1.00 19.08 ? 29  ALA A C   1 
ATOM   227 O O   . ALA A 1 29 ? 1.142   6.039   6.210   1.00 19.28 ? 29  ALA A O   1 
ATOM   228 C CB  . ALA A 1 29 ? 0.359   6.740   3.086   1.00 19.16 ? 29  ALA A CB  1 
ATOM   229 N N   . GLY A 1 30 ? -0.934  6.876   5.958   1.00 18.76 ? 30  GLY A N   1 
ATOM   230 C CA  . GLY A 1 30 ? -1.050  7.337   7.341   1.00 18.27 ? 30  GLY A CA  1 
ATOM   231 C C   . GLY A 1 30 ? -0.761  6.223   8.331   1.00 18.20 ? 30  GLY A C   1 
ATOM   232 O O   . GLY A 1 30 ? 0.039   6.394   9.250   1.00 18.09 ? 30  GLY A O   1 
ATOM   233 N N   . GLU A 1 31 ? -1.405  5.073   8.119   1.00 18.02 ? 31  GLU A N   1 
ATOM   234 C CA  . GLU A 1 31 ? -1.225  3.877   8.946   1.00 17.85 ? 31  GLU A CA  1 
ATOM   235 C C   . GLU A 1 31 ? 0.206   3.325   8.894   1.00 17.88 ? 31  GLU A C   1 
ATOM   236 O O   . GLU A 1 31 ? 0.723   2.819   9.892   1.00 17.80 ? 31  GLU A O   1 
ATOM   237 C CB  . GLU A 1 31 ? -2.243  2.804   8.534   1.00 17.81 ? 31  GLU A CB  1 
ATOM   238 C CG  . GLU A 1 31 ? -2.185  1.486   9.301   1.00 17.34 ? 31  GLU A CG  1 
ATOM   239 C CD  . GLU A 1 31 ? -2.349  1.627   10.815  1.00 18.41 ? 31  GLU A CD  1 
ATOM   240 O OE1 . GLU A 1 31 ? -3.035  2.570   11.289  1.00 18.26 ? 31  GLU A OE1 1 
ATOM   241 O OE2 . GLU A 1 31 ? -1.796  0.766   11.540  1.00 17.03 ? 31  GLU A OE2 1 
ATOM   242 N N   . LEU A 1 32 ? 0.841   3.430   7.730   1.00 18.23 ? 32  LEU A N   1 
ATOM   243 C CA  . LEU A 1 32 ? 2.224   2.972   7.564   1.00 18.41 ? 32  LEU A CA  1 
ATOM   244 C C   . LEU A 1 32 ? 3.245   3.952   8.173   1.00 18.94 ? 32  LEU A C   1 
ATOM   245 O O   . LEU A 1 32 ? 4.450   3.671   8.217   1.00 19.19 ? 32  LEU A O   1 
ATOM   246 C CB  . LEU A 1 32 ? 2.520   2.680   6.092   1.00 18.07 ? 32  LEU A CB  1 
ATOM   247 C CG  . LEU A 1 32 ? 1.710   1.573   5.403   1.00 16.96 ? 32  LEU A CG  1 
ATOM   248 C CD1 . LEU A 1 32 ? 2.000   1.585   3.918   1.00 15.40 ? 32  LEU A CD1 1 
ATOM   249 C CD2 . LEU A 1 32 ? 2.025   0.209   5.988   1.00 16.27 ? 32  LEU A CD2 1 
ATOM   250 N N   . GLY A 1 33 ? 2.751   5.087   8.660   1.00 19.28 ? 33  GLY A N   1 
ATOM   251 C CA  . GLY A 1 33 ? 3.562   6.021   9.437   1.00 19.86 ? 33  GLY A CA  1 
ATOM   252 C C   . GLY A 1 33 ? 4.086   7.243   8.693   1.00 20.15 ? 33  GLY A C   1 
ATOM   253 O O   . GLY A 1 33 ? 4.999   7.906   9.179   1.00 20.65 ? 33  GLY A O   1 
ATOM   254 N N   . TYR A 1 34 ? 3.510   7.537   7.527   1.00 19.91 ? 34  TYR A N   1 
ATOM   255 C CA  . TYR A 1 34 ? 3.880   8.696   6.724   1.00 19.87 ? 34  TYR A CA  1 
ATOM   256 C C   . TYR A 1 34 ? 3.120   9.943   7.163   1.00 20.15 ? 34  TYR A C   1 
ATOM   257 O O   . TYR A 1 34 ? 1.904   9.903   7.315   1.00 20.33 ? 34  TYR A O   1 
ATOM   258 C CB  . TYR A 1 34 ? 3.566   8.428   5.251   1.00 19.77 ? 34  TYR A CB  1 
ATOM   259 C CG  . TYR A 1 34 ? 4.479   7.445   4.573   1.00 19.24 ? 34  TYR A CG  1 
ATOM   260 C CD1 . TYR A 1 34 ? 5.633   7.876   3.935   1.00 19.41 ? 34  TYR A CD1 1 
ATOM   261 C CD2 . TYR A 1 34 ? 4.181   6.077   4.555   1.00 19.92 ? 34  TYR A CD2 1 
ATOM   262 C CE1 . TYR A 1 34 ? 6.482   6.983   3.300   1.00 20.10 ? 34  TYR A CE1 1 
ATOM   263 C CE2 . TYR A 1 34 ? 5.033   5.161   3.926   1.00 19.41 ? 34  TYR A CE2 1 
ATOM   264 C CZ  . TYR A 1 34 ? 6.175   5.631   3.298   1.00 20.09 ? 34  TYR A CZ  1 
ATOM   265 O OH  . TYR A 1 34 ? 7.030   4.769   2.675   1.00 21.07 ? 34  TYR A OH  1 
ATOM   266 N N   . GLN A 1 35 ? 3.827   11.057  7.336   1.00 20.56 ? 35  GLN A N   1 
ATOM   267 C CA  . GLN A 1 35 ? 3.183   12.325  7.686   1.00 21.05 ? 35  GLN A CA  1 
ATOM   268 C C   . GLN A 1 35 ? 2.412   12.909  6.486   1.00 21.19 ? 35  GLN A C   1 
ATOM   269 O O   . GLN A 1 35 ? 2.682   12.530  5.338   1.00 21.60 ? 35  GLN A O   1 
ATOM   270 C CB  . GLN A 1 35 ? 4.205   13.328  8.234   1.00 21.18 ? 35  GLN A CB  1 
ATOM   271 C CG  . GLN A 1 35 ? 4.875   12.918  9.547   1.00 22.41 ? 35  GLN A CG  1 
ATOM   272 C CD  . GLN A 1 35 ? 3.886   12.653  10.667  1.00 24.46 ? 35  GLN A CD  1 
ATOM   273 O OE1 . GLN A 1 35 ? 3.848   11.556  11.227  1.00 25.73 ? 35  GLN A OE1 1 
ATOM   274 N NE2 . GLN A 1 35 ? 3.075   13.651  10.991  1.00 25.11 ? 35  GLN A NE2 1 
ATOM   275 N N   . PRO A 1 36 ? 1.444   13.820  6.746   1.00 21.04 ? 36  PRO A N   1 
ATOM   276 C CA  . PRO A 1 36 ? 0.596   14.370  5.671   1.00 20.98 ? 36  PRO A CA  1 
ATOM   277 C C   . PRO A 1 36 ? 1.360   14.980  4.493   1.00 20.87 ? 36  PRO A C   1 
ATOM   278 O O   . PRO A 1 36 ? 0.991   14.745  3.342   1.00 20.77 ? 36  PRO A O   1 
ATOM   279 C CB  . PRO A 1 36 ? -0.227  15.452  6.387   1.00 20.96 ? 36  PRO A CB  1 
ATOM   280 C CG  . PRO A 1 36 ? -0.290  14.967  7.824   1.00 21.36 ? 36  PRO A CG  1 
ATOM   281 C CD  . PRO A 1 36 ? 1.083   14.384  8.066   1.00 20.91 ? 36  PRO A CD  1 
ATOM   282 N N   . GLU A 1 37 ? 2.409   15.749  4.787   1.00 20.78 ? 37  GLU A N   1 
ATOM   283 C CA  . GLU A 1 37 ? 3.191   16.438  3.752   1.00 20.55 ? 37  GLU A CA  1 
ATOM   284 C C   . GLU A 1 37 ? 4.064   15.474  2.962   1.00 20.09 ? 37  GLU A C   1 
ATOM   285 O O   . GLU A 1 37 ? 4.294   15.684  1.767   1.00 20.05 ? 37  GLU A O   1 
ATOM   286 C CB  . GLU A 1 37 ? 4.050   17.542  4.360   1.00 20.66 ? 37  GLU A CB  1 
ATOM   287 C CG  . GLU A 1 37 ? 3.248   18.650  5.040   1.00 22.66 ? 37  GLU A CG  1 
ATOM   288 C CD  . GLU A 1 37 ? 2.780   18.293  6.453   1.00 24.44 ? 37  GLU A CD  1 
ATOM   289 O OE1 . GLU A 1 37 ? 3.279   17.295  7.032   1.00 25.59 ? 37  GLU A OE1 1 
ATOM   290 O OE2 . GLU A 1 37 ? 1.911   19.022  6.984   1.00 25.23 ? 37  GLU A OE2 1 
ATOM   291 N N   . HIS A 1 38 ? 4.545   14.429  3.639   1.00 19.32 ? 38  HIS A N   1 
ATOM   292 C CA  . HIS A 1 38 ? 5.249   13.319  2.998   1.00 18.99 ? 38  HIS A CA  1 
ATOM   293 C C   . HIS A 1 38 ? 4.298   12.632  1.999   1.00 19.10 ? 38  HIS A C   1 
ATOM   294 O O   . HIS A 1 38 ? 4.668   12.407  0.841   1.00 19.21 ? 38  HIS A O   1 
ATOM   295 C CB  . HIS A 1 38 ? 5.749   12.338  4.061   1.00 18.54 ? 38  HIS A CB  1 
ATOM   296 C CG  . HIS A 1 38 ? 6.866   11.444  3.617   1.00 17.71 ? 38  HIS A CG  1 
ATOM   297 N ND1 . HIS A 1 38 ? 7.151   11.192  2.291   1.00 17.96 ? 38  HIS A ND1 1 
ATOM   298 C CD2 . HIS A 1 38 ? 7.744   10.700  4.338   1.00 15.98 ? 38  HIS A CD2 1 
ATOM   299 C CE1 . HIS A 1 38 ? 8.172   10.354  2.216   1.00 16.72 ? 38  HIS A CE1 1 
ATOM   300 N NE2 . HIS A 1 38 ? 8.547   10.038  3.444   1.00 14.61 ? 38  HIS A NE2 1 
ATOM   301 N N   . ILE A 1 39 ? 3.076   12.324  2.444   1.00 18.98 ? 39  ILE A N   1 
ATOM   302 C CA  . ILE A 1 39 ? 2.029   11.775  1.564   1.00 18.66 ? 39  ILE A CA  1 
ATOM   303 C C   . ILE A 1 39 ? 1.766   12.704  0.377   1.00 18.80 ? 39  ILE A C   1 
ATOM   304 O O   . ILE A 1 39 ? 1.780   12.265  -0.773  1.00 18.96 ? 39  ILE A O   1 
ATOM   305 C CB  . ILE A 1 39 ? 0.701   11.508  2.325   1.00 18.48 ? 39  ILE A CB  1 
ATOM   306 C CG1 . ILE A 1 39 ? 0.944   10.573  3.510   1.00 19.03 ? 39  ILE A CG1 1 
ATOM   307 C CG2 . ILE A 1 39 ? -0.353  10.927  1.390   1.00 18.22 ? 39  ILE A CG2 1 
ATOM   308 C CD1 . ILE A 1 39 ? -0.268  10.319  4.383   1.00 18.66 ? 39  ILE A CD1 1 
ATOM   309 N N   . ASP A 1 40 ? 1.532   13.984  0.661   1.00 18.94 ? 40  ASP A N   1 
ATOM   310 C CA  . ASP A 1 40 ? 1.337   14.989  -0.381  1.00 19.34 ? 40  ASP A CA  1 
ATOM   311 C C   . ASP A 1 40 ? 2.486   15.007  -1.399  1.00 19.20 ? 40  ASP A C   1 
ATOM   312 O O   . ASP A 1 40 ? 2.259   15.300  -2.563  1.00 19.72 ? 40  ASP A O   1 
ATOM   313 C CB  . ASP A 1 40 ? 1.166   16.394  0.220   1.00 19.67 ? 40  ASP A CB  1 
ATOM   314 C CG  . ASP A 1 40 ? -0.164  16.583  0.946   1.00 21.00 ? 40  ASP A CG  1 
ATOM   315 O OD1 . ASP A 1 40 ? -1.141  15.849  0.662   1.00 22.10 ? 40  ASP A OD1 1 
ATOM   316 O OD2 . ASP A 1 40 ? -0.226  17.491  1.808   1.00 22.08 ? 40  ASP A OD2 1 
ATOM   317 N N   . SER A 1 41 ? 3.704   14.676  -0.969  1.00 18.75 ? 41  SER A N   1 
ATOM   318 C CA  . SER A 1 41 ? 4.852   14.626  -1.870  1.00 18.18 ? 41  SER A CA  1 
ATOM   319 C C   . SER A 1 41 ? 4.702   13.578  -2.975  1.00 18.34 ? 41  SER A C   1 
ATOM   320 O O   . SER A 1 41 ? 5.334   13.702  -4.034  1.00 18.37 ? 41  SER A O   1 
ATOM   321 C CB  . SER A 1 41 ? 6.148   14.380  -1.096  1.00 18.10 ? 41  SER A CB  1 
ATOM   322 O OG  . SER A 1 41 ? 6.440   12.991  -0.991  1.00 18.06 ? 41  SER A OG  1 
ATOM   323 N N   . PHE A 1 42 ? 3.878   12.552  -2.738  1.00 17.89 ? 42  PHE A N   1 
ATOM   324 C CA  . PHE A 1 42 ? 3.715   11.462  -3.715  1.00 17.61 ? 42  PHE A CA  1 
ATOM   325 C C   . PHE A 1 42 ? 2.683   11.808  -4.764  1.00 17.89 ? 42  PHE A C   1 
ATOM   326 O O   . PHE A 1 42 ? 2.593   11.139  -5.792  1.00 17.94 ? 42  PHE A O   1 
ATOM   327 C CB  . PHE A 1 42 ? 3.351   10.128  -3.042  1.00 17.30 ? 42  PHE A CB  1 
ATOM   328 C CG  . PHE A 1 42 ? 4.491   9.483   -2.300  1.00 15.91 ? 42  PHE A CG  1 
ATOM   329 C CD1 . PHE A 1 42 ? 5.554   8.911   -2.986  1.00 16.05 ? 42  PHE A CD1 1 
ATOM   330 C CD2 . PHE A 1 42 ? 4.492   9.433   -0.915  1.00 14.94 ? 42  PHE A CD2 1 
ATOM   331 C CE1 . PHE A 1 42 ? 6.625   8.318   -2.298  1.00 15.10 ? 42  PHE A CE1 1 
ATOM   332 C CE2 . PHE A 1 42 ? 5.546   8.833   -0.220  1.00 14.26 ? 42  PHE A CE2 1 
ATOM   333 C CZ  . PHE A 1 42 ? 6.613   8.280   -0.913  1.00 13.41 ? 42  PHE A CZ  1 
ATOM   334 N N   . THR A 1 43 ? 1.905   12.854  -4.506  1.00 18.22 ? 43  THR A N   1 
ATOM   335 C CA  . THR A 1 43 ? 0.880   13.290  -5.446  1.00 18.69 ? 43  THR A CA  1 
ATOM   336 C C   . THR A 1 43 ? 1.496   13.872  -6.716  1.00 18.60 ? 43  THR A C   1 
ATOM   337 O O   . THR A 1 43 ? 0.814   14.023  -7.725  1.00 18.53 ? 43  THR A O   1 
ATOM   338 C CB  . THR A 1 43 ? -0.084  14.325  -4.828  1.00 18.90 ? 43  THR A CB  1 
ATOM   339 O OG1 . THR A 1 43 ? 0.607   15.561  -4.593  1.00 18.90 ? 43  THR A OG1 1 
ATOM   340 C CG2 . THR A 1 43 ? -0.684  13.794  -3.525  1.00 19.71 ? 43  THR A CG2 1 
ATOM   341 N N   . HIS A 1 44 ? 2.789   14.180  -6.648  1.00 18.68 ? 44  HIS A N   1 
ATOM   342 C CA  . HIS A 1 44 ? 3.563   14.681  -7.782  1.00 18.81 ? 44  HIS A CA  1 
ATOM   343 C C   . HIS A 1 44 ? 3.952   13.580  -8.752  1.00 18.89 ? 44  HIS A C   1 
ATOM   344 O O   . HIS A 1 44 ? 4.394   13.859  -9.868  1.00 19.10 ? 44  HIS A O   1 
ATOM   345 C CB  . HIS A 1 44 ? 4.790   15.443  -7.288  1.00 18.60 ? 44  HIS A CB  1 
ATOM   346 C CG  . HIS A 1 44 ? 4.427   16.701  -6.570  1.00 19.77 ? 44  HIS A CG  1 
ATOM   347 N ND1 . HIS A 1 44 ? 4.464   17.936  -7.173  1.00 20.50 ? 44  HIS A ND1 1 
ATOM   348 C CD2 . HIS A 1 44 ? 3.934   16.902  -5.325  1.00 20.44 ? 44  HIS A CD2 1 
ATOM   349 C CE1 . HIS A 1 44 ? 4.040   18.852  -6.318  1.00 21.49 ? 44  HIS A CE1 1 
ATOM   350 N NE2 . HIS A 1 44 ? 3.709   18.248  -5.192  1.00 21.17 ? 44  HIS A NE2 1 
ATOM   351 N N   . GLU A 1 45 ? 3.767   12.336  -8.334  1.00 18.72 ? 45  GLU A N   1 
ATOM   352 C CA  . GLU A 1 45 ? 4.082   11.208  -9.182  1.00 19.09 ? 45  GLU A CA  1 
ATOM   353 C C   . GLU A 1 45 ? 2.908   10.909  -10.098 1.00 19.06 ? 45  GLU A C   1 
ATOM   354 O O   . GLU A 1 45 ? 1.776   11.289  -9.800  1.00 19.00 ? 45  GLU A O   1 
ATOM   355 C CB  . GLU A 1 45 ? 4.436   9.985   -8.339  1.00 18.91 ? 45  GLU A CB  1 
ATOM   356 C CG  . GLU A 1 45 ? 5.556   10.216  -7.358  1.00 19.50 ? 45  GLU A CG  1 
ATOM   357 C CD  . GLU A 1 45 ? 6.868   10.595  -8.020  1.00 22.81 ? 45  GLU A CD  1 
ATOM   358 O OE1 . GLU A 1 45 ? 7.103   10.204  -9.191  1.00 22.81 ? 45  GLU A OE1 1 
ATOM   359 O OE2 . GLU A 1 45 ? 7.673   11.290  -7.355  1.00 24.35 ? 45  GLU A OE2 1 
ATOM   360 N N   . ALA A 1 46 ? 3.191   10.246  -11.220 1.00 19.26 ? 46  ALA A N   1 
ATOM   361 C CA  . ALA A 1 46 ? 2.141   9.776   -12.130 1.00 19.27 ? 46  ALA A CA  1 
ATOM   362 C C   . ALA A 1 46 ? 1.267   8.729   -11.428 1.00 19.25 ? 46  ALA A C   1 
ATOM   363 O O   . ALA A 1 46 ? 0.047   8.745   -11.562 1.00 19.01 ? 46  ALA A O   1 
ATOM   364 C CB  . ALA A 1 46 ? 2.748   9.211   -13.416 1.00 18.92 ? 46  ALA A CB  1 
ATOM   365 N N   . CYS A 1 47 ? 1.907   7.831   -10.679 1.00 19.42 ? 47  CYS A N   1 
ATOM   366 C CA  . CYS A 1 47 ? 1.201   6.826   -9.888  1.00 19.47 ? 47  CYS A CA  1 
ATOM   367 C C   . CYS A 1 47 ? 1.555   6.963   -8.414  1.00 19.23 ? 47  CYS A C   1 
ATOM   368 O O   . CYS A 1 47 ? 2.528   6.369   -7.950  1.00 19.15 ? 47  CYS A O   1 
ATOM   369 C CB  . CYS A 1 47 ? 1.537   5.430   -10.392 1.00 19.46 ? 47  CYS A CB  1 
ATOM   370 S SG  . CYS A 1 47 ? 1.405   5.278   -12.194 1.00 21.85 ? 47  CYS A SG  1 
ATOM   371 N N   . PRO A 1 48 ? 0.769   7.758   -7.669  1.00 19.43 ? 48  PRO A N   1 
ATOM   372 C CA  . PRO A 1 48 ? 1.074   8.002   -6.261  1.00 19.30 ? 48  PRO A CA  1 
ATOM   373 C C   . PRO A 1 48 ? 1.077   6.725   -5.415  1.00 19.38 ? 48  PRO A C   1 
ATOM   374 O O   . PRO A 1 48 ? 1.974   6.555   -4.587  1.00 19.50 ? 48  PRO A O   1 
ATOM   375 C CB  . PRO A 1 48 ? -0.027  8.967   -5.821  1.00 19.23 ? 48  PRO A CB  1 
ATOM   376 C CG  . PRO A 1 48 ? -0.489  9.618   -7.084  1.00 19.78 ? 48  PRO A CG  1 
ATOM   377 C CD  . PRO A 1 48 ? -0.391  8.547   -8.123  1.00 19.41 ? 48  PRO A CD  1 
ATOM   378 N N   . VAL A 1 49 ? 0.108   5.838   -5.632  1.00 19.23 ? 49  VAL A N   1 
ATOM   379 C CA  . VAL A 1 49 ? 0.056   4.568   -4.903  1.00 19.56 ? 49  VAL A CA  1 
ATOM   380 C C   . VAL A 1 49 ? 1.322   3.742   -5.150  1.00 19.58 ? 49  VAL A C   1 
ATOM   381 O O   . VAL A 1 49 ? 1.993   3.327   -4.210  1.00 19.54 ? 49  VAL A O   1 
ATOM   382 C CB  . VAL A 1 49 ? -1.185  3.702   -5.274  1.00 19.62 ? 49  VAL A CB  1 
ATOM   383 C CG1 . VAL A 1 49 ? -1.439  2.686   -4.185  1.00 19.73 ? 49  VAL A CG1 1 
ATOM   384 C CG2 . VAL A 1 49 ? -2.436  4.570   -5.486  1.00 20.44 ? 49  VAL A CG2 1 
ATOM   385 N N   . ARG A 1 50 ? 1.643   3.517   -6.422  1.00 19.88 ? 50  ARG A N   1 
ATOM   386 C CA  . ARG A 1 50 ? 2.835   2.761   -6.794  1.00 20.36 ? 50  ARG A CA  1 
ATOM   387 C C   . ARG A 1 50 ? 4.118   3.378   -6.219  1.00 20.46 ? 50  ARG A C   1 
ATOM   388 O O   . ARG A 1 50 ? 4.987   2.662   -5.713  1.00 20.32 ? 50  ARG A O   1 
ATOM   389 C CB  . ARG A 1 50 ? 2.938   2.650   -8.311  1.00 20.44 ? 50  ARG A CB  1 
ATOM   390 C CG  . ARG A 1 50 ? 4.191   1.945   -8.801  1.00 20.73 ? 50  ARG A CG  1 
ATOM   391 C CD  . ARG A 1 50 ? 4.137   1.772   -10.298 1.00 22.84 ? 50  ARG A CD  1 
ATOM   392 N NE  . ARG A 1 50 ? 3.004   0.941   -10.709 1.00 24.22 ? 50  ARG A NE  1 
ATOM   393 C CZ  . ARG A 1 50 ? 2.668   0.689   -11.975 1.00 25.57 ? 50  ARG A CZ  1 
ATOM   394 N NH1 . ARG A 1 50 ? 3.370   1.210   -12.983 1.00 24.29 ? 50  ARG A NH1 1 
ATOM   395 N NH2 . ARG A 1 50 ? 1.617   -0.092  -12.231 1.00 25.61 ? 50  ARG A NH2 1 
ATOM   396 N N   . ALA A 1 51 ? 4.220   4.704   -6.308  1.00 20.31 ? 51  ALA A N   1 
ATOM   397 C CA  . ALA A 1 51 ? 5.355   5.448   -5.750  1.00 20.19 ? 51  ALA A CA  1 
ATOM   398 C C   . ALA A 1 51 ? 5.478   5.263   -4.230  1.00 19.91 ? 51  ALA A C   1 
ATOM   399 O O   . ALA A 1 51 ? 6.579   5.078   -3.720  1.00 20.40 ? 51  ALA A O   1 
ATOM   400 C CB  . ALA A 1 51 ? 5.251   6.937   -6.114  1.00 19.55 ? 51  ALA A CB  1 
ATOM   401 N N   . LEU A 1 52 ? 4.347   5.291   -3.530  1.00 19.59 ? 52  LEU A N   1 
ATOM   402 C CA  . LEU A 1 52 ? 4.313   5.129   -2.081  1.00 19.34 ? 52  LEU A CA  1 
ATOM   403 C C   . LEU A 1 52 ? 4.807   3.756   -1.681  1.00 19.67 ? 52  LEU A C   1 
ATOM   404 O O   . LEU A 1 52 ? 5.684   3.628   -0.836  1.00 20.37 ? 52  LEU A O   1 
ATOM   405 C CB  . LEU A 1 52 ? 2.897   5.329   -1.538  1.00 18.92 ? 52  LEU A CB  1 
ATOM   406 C CG  . LEU A 1 52 ? 2.735   4.962   -0.057  1.00 18.68 ? 52  LEU A CG  1 
ATOM   407 C CD1 . LEU A 1 52 ? 2.993   6.166   0.820   1.00 18.45 ? 52  LEU A CD1 1 
ATOM   408 C CD2 . LEU A 1 52 ? 1.348   4.397   0.198   1.00 18.57 ? 52  LEU A CD2 1 
ATOM   409 N N   . LEU A 1 53 ? 4.230   2.732   -2.299  1.00 19.86 ? 53  LEU A N   1 
ATOM   410 C CA  . LEU A 1 53 ? 4.541   1.348   -2.003  1.00 19.92 ? 53  LEU A CA  1 
ATOM   411 C C   . LEU A 1 53 ? 5.955   0.938   -2.403  1.00 20.48 ? 53  LEU A C   1 
ATOM   412 O O   . LEU A 1 53 ? 6.539   0.068   -1.768  1.00 20.75 ? 53  LEU A O   1 
ATOM   413 C CB  . LEU A 1 53 ? 3.491   0.439   -2.649  1.00 19.95 ? 53  LEU A CB  1 
ATOM   414 C CG  . LEU A 1 53 ? 2.065   0.662   -2.107  1.00 19.66 ? 53  LEU A CG  1 
ATOM   415 C CD1 . LEU A 1 53 ? 1.033   -0.025  -2.970  1.00 19.27 ? 53  LEU A CD1 1 
ATOM   416 C CD2 . LEU A 1 53 ? 1.934   0.228   -0.638  1.00 18.89 ? 53  LEU A CD2 1 
ATOM   417 N N   . ALA A 1 54 ? 6.498   1.560   -3.452  1.00 20.99 ? 54  ALA A N   1 
ATOM   418 C CA  . ALA A 1 54 ? 7.891   1.353   -3.862  1.00 21.38 ? 54  ALA A CA  1 
ATOM   419 C C   . ALA A 1 54 ? 8.843   1.928   -2.823  1.00 21.83 ? 54  ALA A C   1 
ATOM   420 O O   . ALA A 1 54 ? 9.885   1.336   -2.532  1.00 22.07 ? 54  ALA A O   1 
ATOM   421 C CB  . ALA A 1 54 ? 8.149   1.997   -5.209  1.00 21.20 ? 54  ALA A CB  1 
ATOM   422 N N   . SER A 1 55 ? 8.483   3.090   -2.285  1.00 22.31 ? 55  SER A N   1 
ATOM   423 C CA  . SER A 1 55 ? 9.232   3.728   -1.211  1.00 22.92 ? 55  SER A CA  1 
ATOM   424 C C   . SER A 1 55 ? 9.131   2.886   0.065   1.00 23.36 ? 55  SER A C   1 
ATOM   425 O O   . SER A 1 55 ? 10.153  2.443   0.596   1.00 23.67 ? 55  SER A O   1 
ATOM   426 C CB  . SER A 1 55 ? 8.718   5.154   -0.981  1.00 22.84 ? 55  SER A CB  1 
ATOM   427 O OG  . SER A 1 55 ? 9.096   5.649   0.294   1.00 23.17 ? 55  SER A OG  1 
ATOM   428 N N   . TRP A 1 56 ? 7.900   2.664   0.539   1.00 23.54 ? 56  TRP A N   1 
ATOM   429 C CA  . TRP A 1 56 ? 7.632   1.805   1.703   1.00 23.78 ? 56  TRP A CA  1 
ATOM   430 C C   . TRP A 1 56 ? 8.310   0.436   1.560   1.00 24.71 ? 56  TRP A C   1 
ATOM   431 O O   . TRP A 1 56 ? 9.013   -0.017  2.465   1.00 24.47 ? 56  TRP A O   1 
ATOM   432 C CB  . TRP A 1 56 ? 6.115   1.637   1.909   1.00 23.21 ? 56  TRP A CB  1 
ATOM   433 C CG  . TRP A 1 56 ? 5.750   0.671   3.001   1.00 21.27 ? 56  TRP A CG  1 
ATOM   434 C CD1 . TRP A 1 56 ? 5.851   0.882   4.354   1.00 20.23 ? 56  TRP A CD1 1 
ATOM   435 C CD2 . TRP A 1 56 ? 5.237   -0.657  2.840   1.00 19.10 ? 56  TRP A CD2 1 
ATOM   436 N NE1 . TRP A 1 56 ? 5.433   -0.229  5.039   1.00 20.15 ? 56  TRP A NE1 1 
ATOM   437 C CE2 . TRP A 1 56 ? 5.053   -1.191  4.136   1.00 20.32 ? 56  TRP A CE2 1 
ATOM   438 C CE3 . TRP A 1 56 ? 4.914   -1.447  1.733   1.00 18.39 ? 56  TRP A CE3 1 
ATOM   439 C CZ2 . TRP A 1 56 ? 4.554   -2.486  4.349   1.00 20.22 ? 56  TRP A CZ2 1 
ATOM   440 C CZ3 . TRP A 1 56 ? 4.424   -2.732  1.941   1.00 17.69 ? 56  TRP A CZ3 1 
ATOM   441 C CH2 . TRP A 1 56 ? 4.245   -3.239  3.237   1.00 18.65 ? 56  TRP A CH2 1 
ATOM   442 N N   . GLY A 1 57 ? 8.105   -0.189  0.401   1.00 25.93 ? 57  GLY A N   1 
ATOM   443 C CA  . GLY A 1 57 ? 8.617   -1.521  0.088   1.00 27.59 ? 57  GLY A CA  1 
ATOM   444 C C   . GLY A 1 57 ? 10.123  -1.675  0.145   1.00 28.89 ? 57  GLY A C   1 
ATOM   445 O O   . GLY A 1 57 ? 10.637  -2.802  0.131   1.00 28.71 ? 57  GLY A O   1 
ATOM   446 N N   . ALA A 1 58 ? 10.827  -0.546  0.214   1.00 30.23 ? 58  ALA A N   1 
ATOM   447 C CA  . ALA A 1 58 ? 12.291  -0.544  0.314   1.00 31.63 ? 58  ALA A CA  1 
ATOM   448 C C   . ALA A 1 58 ? 12.801  -1.167  1.620   1.00 32.59 ? 58  ALA A C   1 
ATOM   449 O O   . ALA A 1 58 ? 13.860  -1.808  1.625   1.00 33.07 ? 58  ALA A O   1 
ATOM   450 C CB  . ALA A 1 58 ? 12.849  0.867   0.138   1.00 31.46 ? 58  ALA A CB  1 
ATOM   451 N N   . GLN A 1 59 ? 12.053  -0.982  2.714   1.00 33.45 ? 59  GLN A N   1 
ATOM   452 C CA  . GLN A 1 59 ? 12.430  -1.537  4.024   1.00 34.32 ? 59  GLN A CA  1 
ATOM   453 C C   . GLN A 1 59 ? 12.325  -3.058  4.035   1.00 34.44 ? 59  GLN A C   1 
ATOM   454 O O   . GLN A 1 59 ? 11.657  -3.651  3.181   1.00 34.44 ? 59  GLN A O   1 
ATOM   455 C CB  . GLN A 1 59 ? 11.549  -0.976  5.137   1.00 34.53 ? 59  GLN A CB  1 
ATOM   456 C CG  . GLN A 1 59 ? 11.240  0.509   5.035   1.00 36.79 ? 59  GLN A CG  1 
ATOM   457 C CD  . GLN A 1 59 ? 9.865   0.847   5.591   1.00 39.28 ? 59  GLN A CD  1 
ATOM   458 O OE1 . GLN A 1 59 ? 8.967   -0.005  5.630   1.00 40.02 ? 59  GLN A OE1 1 
ATOM   459 N NE2 . GLN A 1 59 ? 9.689   2.094   6.023   1.00 40.23 ? 59  GLN A NE2 1 
ATOM   460 N N   . ASP A 1 60 ? 12.968  -3.690  5.017   1.00 34.77 ? 60  ASP A N   1 
ATOM   461 C CA  . ASP A 1 60 ? 12.948  -5.149  5.106   1.00 34.91 ? 60  ASP A CA  1 
ATOM   462 C C   . ASP A 1 60 ? 11.705  -5.690  5.811   1.00 33.94 ? 60  ASP A C   1 
ATOM   463 O O   . ASP A 1 60 ? 11.382  -6.875  5.702   1.00 34.24 ? 60  ASP A O   1 
ATOM   464 C CB  . ASP A 1 60 ? 14.215  -5.676  5.781   1.00 35.84 ? 60  ASP A CB  1 
ATOM   465 C CG  . ASP A 1 60 ? 14.717  -6.968  5.143   1.00 39.06 ? 60  ASP A CG  1 
ATOM   466 O OD1 . ASP A 1 60 ? 14.335  -7.252  3.974   1.00 40.85 ? 60  ASP A OD1 1 
ATOM   467 O OD2 . ASP A 1 60 ? 15.499  -7.694  5.810   1.00 42.64 ? 60  ASP A OD2 1 
ATOM   468 N N   . SER A 1 61 ? 11.013  -4.814  6.532   1.00 32.37 ? 61  SER A N   1 
ATOM   469 C CA  . SER A 1 61 ? 9.786   -5.179  7.223   1.00 31.13 ? 61  SER A CA  1 
ATOM   470 C C   . SER A 1 61 ? 8.529   -4.864  6.393   1.00 29.59 ? 61  SER A C   1 
ATOM   471 O O   . SER A 1 61 ? 7.407   -4.916  6.903   1.00 29.24 ? 61  SER A O   1 
ATOM   472 C CB  . SER A 1 61 ? 9.724   -4.442  8.559   1.00 31.45 ? 61  SER A CB  1 
ATOM   473 O OG  . SER A 1 61 ? 9.910   -3.055  8.340   1.00 32.58 ? 61  SER A OG  1 
ATOM   474 N N   . ALA A 1 62 ? 8.731   -4.528  5.121   1.00 27.86 ? 62  ALA A N   1 
ATOM   475 C CA  . ALA A 1 62 ? 7.635   -4.257  4.204   1.00 26.38 ? 62  ALA A CA  1 
ATOM   476 C C   . ALA A 1 62 ? 7.157   -5.543  3.536   1.00 25.41 ? 62  ALA A C   1 
ATOM   477 O O   . ALA A 1 62 ? 7.372   -5.756  2.343   1.00 25.36 ? 62  ALA A O   1 
ATOM   478 C CB  . ALA A 1 62 ? 8.046   -3.220  3.173   1.00 26.32 ? 62  ALA A CB  1 
ATOM   479 N N   . THR A 1 63 ? 6.507   -6.395  4.325   1.00 24.19 ? 63  THR A N   1 
ATOM   480 C CA  . THR A 1 63 ? 5.957   -7.655  3.845   1.00 23.29 ? 63  THR A CA  1 
ATOM   481 C C   . THR A 1 63 ? 4.514   -7.481  3.394   1.00 22.56 ? 63  THR A C   1 
ATOM   482 O O   . THR A 1 63 ? 3.841   -6.523  3.781   1.00 22.67 ? 63  THR A O   1 
ATOM   483 C CB  . THR A 1 63 ? 5.970   -8.727  4.956   1.00 23.48 ? 63  THR A CB  1 
ATOM   484 O OG1 . THR A 1 63 ? 5.301   -8.214  6.117   1.00 23.51 ? 63  THR A OG1 1 
ATOM   485 C CG2 . THR A 1 63 ? 7.408   -9.127  5.325   1.00 23.27 ? 63  THR A CG2 1 
ATOM   486 N N   . LEU A 1 64 ? 4.026   -8.424  2.600   1.00 21.92 ? 64  LEU A N   1 
ATOM   487 C CA  . LEU A 1 64 ? 2.609   -8.467  2.265   1.00 21.34 ? 64  LEU A CA  1 
ATOM   488 C C   . LEU A 1 64 ? 1.721   -8.471  3.513   1.00 21.21 ? 64  LEU A C   1 
ATOM   489 O O   . LEU A 1 64 ? 0.735   -7.734  3.571   1.00 21.67 ? 64  LEU A O   1 
ATOM   490 C CB  . LEU A 1 64 ? 2.285   -9.665  1.374   1.00 21.05 ? 64  LEU A CB  1 
ATOM   491 C CG  . LEU A 1 64 ? 0.819   -9.814  0.939   1.00 20.21 ? 64  LEU A CG  1 
ATOM   492 C CD1 . LEU A 1 64 ? 0.292   -8.594  0.169   1.00 18.81 ? 64  LEU A CD1 1 
ATOM   493 C CD2 . LEU A 1 64 ? 0.635   -11.073 0.137   1.00 18.14 ? 64  LEU A CD2 1 
ATOM   494 N N   . ASP A 1 65 ? 2.081   -9.281  4.506   1.00 20.88 ? 65  ASP A N   1 
ATOM   495 C CA  . ASP A 1 65 ? 1.291   -9.388  5.732   1.00 20.56 ? 65  ASP A CA  1 
ATOM   496 C C   . ASP A 1 65 ? 1.256   -8.092  6.543   1.00 20.52 ? 65  ASP A C   1 
ATOM   497 O O   . ASP A 1 65 ? 0.229   -7.753  7.125   1.00 19.90 ? 65  ASP A O   1 
ATOM   498 C CB  . ASP A 1 65 ? 1.691   -10.602 6.588   1.00 20.59 ? 65  ASP A CB  1 
ATOM   499 C CG  . ASP A 1 65 ? 3.191   -10.758 6.757   1.00 21.45 ? 65  ASP A CG  1 
ATOM   500 O OD1 . ASP A 1 65 ? 3.717   -10.426 7.839   1.00 21.74 ? 65  ASP A OD1 1 
ATOM   501 O OD2 . ASP A 1 65 ? 3.852   -11.246 5.817   1.00 23.40 ? 65  ASP A OD2 1 
ATOM   502 N N   . ALA A 1 66 ? 2.378   -7.371  6.565   1.00 20.72 ? 66  ALA A N   1 
ATOM   503 C CA  . ALA A 1 66 ? 2.441   -6.045  7.170   1.00 20.47 ? 66  ALA A CA  1 
ATOM   504 C C   . ALA A 1 66 ? 1.488   -5.098  6.456   1.00 20.45 ? 66  ALA A C   1 
ATOM   505 O O   . ALA A 1 66 ? 0.821   -4.274  7.086   1.00 20.48 ? 66  ALA A O   1 
ATOM   506 C CB  . ALA A 1 66 ? 3.854   -5.500  7.121   1.00 20.69 ? 66  ALA A CB  1 
ATOM   507 N N   . LEU A 1 67 ? 1.423   -5.217  5.136   1.00 20.39 ? 67  LEU A N   1 
ATOM   508 C CA  . LEU A 1 67 ? 0.490   -4.414  4.355   1.00 20.31 ? 67  LEU A CA  1 
ATOM   509 C C   . LEU A 1 67 ? -0.953  -4.791  4.687   1.00 19.95 ? 67  LEU A C   1 
ATOM   510 O O   . LEU A 1 67 ? -1.783  -3.918  4.978   1.00 20.26 ? 67  LEU A O   1 
ATOM   511 C CB  . LEU A 1 67 ? 0.745   -4.579  2.856   1.00 20.44 ? 67  LEU A CB  1 
ATOM   512 C CG  . LEU A 1 67 ? -0.245  -3.865  1.938   1.00 21.05 ? 67  LEU A CG  1 
ATOM   513 C CD1 . LEU A 1 67 ? -0.278  -2.373  2.234   1.00 22.95 ? 67  LEU A CD1 1 
ATOM   514 C CD2 . LEU A 1 67 ? 0.129   -4.114  0.494   1.00 22.07 ? 67  LEU A CD2 1 
ATOM   515 N N   . LEU A 1 68 ? -1.236  -6.091  4.635   1.00 18.85 ? 68  LEU A N   1 
ATOM   516 C CA  . LEU A 1 68 ? -2.551  -6.616  4.975   1.00 17.88 ? 68  LEU A CA  1 
ATOM   517 C C   . LEU A 1 68 ? -2.964  -6.196  6.394   1.00 17.18 ? 68  LEU A C   1 
ATOM   518 O O   . LEU A 1 68 ? -4.096  -5.745  6.594   1.00 17.43 ? 68  LEU A O   1 
ATOM   519 C CB  . LEU A 1 68 ? -2.574  -8.138  4.780   1.00 17.73 ? 68  LEU A CB  1 
ATOM   520 C CG  . LEU A 1 68 ? -3.096  -8.737  3.457   1.00 17.91 ? 68  LEU A CG  1 
ATOM   521 C CD1 . LEU A 1 68 ? -2.915  -7.859  2.225   1.00 17.66 ? 68  LEU A CD1 1 
ATOM   522 C CD2 . LEU A 1 68 ? -2.572  -10.140 3.175   1.00 16.62 ? 68  LEU A CD2 1 
ATOM   523 N N   . ALA A 1 69 ? -2.045  -6.303  7.357   1.00 16.18 ? 69  ALA A N   1 
ATOM   524 C CA  . ALA A 1 69 ? -2.280  -5.819  8.732   1.00 15.87 ? 69  ALA A CA  1 
ATOM   525 C C   . ALA A 1 69 ? -2.674  -4.336  8.771   1.00 15.85 ? 69  ALA A C   1 
ATOM   526 O O   . ALA A 1 69 ? -3.638  -3.964  9.448   1.00 15.57 ? 69  ALA A O   1 
ATOM   527 C CB  . ALA A 1 69 ? -1.059  -6.048  9.604   1.00 15.45 ? 69  ALA A CB  1 
ATOM   528 N N   . ALA A 1 70 ? -1.925  -3.502  8.040   1.00 15.81 ? 70  ALA A N   1 
ATOM   529 C CA  . ALA A 1 70 ? -2.219  -2.065  7.925   1.00 15.91 ? 70  ALA A CA  1 
ATOM   530 C C   . ALA A 1 70 ? -3.631  -1.801  7.413   1.00 15.75 ? 70  ALA A C   1 
ATOM   531 O O   . ALA A 1 70 ? -4.297  -0.879  7.880   1.00 16.37 ? 70  ALA A O   1 
ATOM   532 C CB  . ALA A 1 70 ? -1.192  -1.368  7.041   1.00 15.67 ? 70  ALA A CB  1 
ATOM   533 N N   . LEU A 1 71 ? -4.087  -2.624  6.474   1.00 15.30 ? 71  LEU A N   1 
ATOM   534 C CA  . LEU A 1 71 ? -5.408  -2.465  5.877   1.00 15.11 ? 71  LEU A CA  1 
ATOM   535 C C   . LEU A 1 71 ? -6.535  -2.821  6.835   1.00 15.45 ? 71  LEU A C   1 
ATOM   536 O O   . LEU A 1 71 ? -7.534  -2.108  6.891   1.00 16.10 ? 71  LEU A O   1 
ATOM   537 C CB  . LEU A 1 71 ? -5.527  -3.265  4.575   1.00 14.57 ? 71  LEU A CB  1 
ATOM   538 C CG  . LEU A 1 71 ? -4.739  -2.741  3.372   1.00 14.25 ? 71  LEU A CG  1 
ATOM   539 C CD1 . LEU A 1 71 ? -4.627  -3.814  2.270   1.00 14.65 ? 71  LEU A CD1 1 
ATOM   540 C CD2 . LEU A 1 71 ? -5.356  -1.452  2.815   1.00 12.78 ? 71  LEU A CD2 1 
ATOM   541 N N   . ARG A 1 72 ? -6.394  -3.921  7.570   1.00 15.64 ? 72  ARG A N   1 
ATOM   542 C CA  . ARG A 1 72 ? -7.337  -4.251  8.637   1.00 16.28 ? 72  ARG A CA  1 
ATOM   543 C C   . ARG A 1 72 ? -7.473  -3.089  9.619   1.00 16.80 ? 72  ARG A C   1 
ATOM   544 O O   . ARG A 1 72 ? -8.566  -2.782  10.067  1.00 16.90 ? 72  ARG A O   1 
ATOM   545 C CB  . ARG A 1 72 ? -6.889  -5.497  9.410   1.00 16.11 ? 72  ARG A CB  1 
ATOM   546 C CG  . ARG A 1 72 ? -6.940  -6.818  8.618   1.00 16.87 ? 72  ARG A CG  1 
ATOM   547 C CD  . ARG A 1 72 ? -6.669  -8.057  9.498   1.00 16.03 ? 72  ARG A CD  1 
ATOM   548 N NE  . ARG A 1 72 ? -5.353  -8.015  10.134  1.00 16.28 ? 72  ARG A NE  1 
ATOM   549 C CZ  . ARG A 1 72 ? -5.116  -7.496  11.336  1.00 16.23 ? 72  ARG A CZ  1 
ATOM   550 N NH1 . ARG A 1 72 ? -6.106  -6.995  12.054  1.00 16.25 ? 72  ARG A NH1 1 
ATOM   551 N NH2 . ARG A 1 72 ? -3.885  -7.484  11.826  1.00 17.25 ? 72  ARG A NH2 1 
ATOM   552 N N   . ARG A 1 73 ? -6.356  -2.439  9.933   1.00 17.51 ? 73  ARG A N   1 
ATOM   553 C CA  . ARG A 1 73 ? -6.330  -1.392  10.948  1.00 18.35 ? 73  ARG A CA  1 
ATOM   554 C C   . ARG A 1 73 ? -7.044  -0.106  10.553  1.00 18.29 ? 73  ARG A C   1 
ATOM   555 O O   . ARG A 1 73 ? -7.571  0.582   11.416  1.00 18.27 ? 73  ARG A O   1 
ATOM   556 C CB  . ARG A 1 73 ? -4.899  -1.107  11.395  1.00 18.53 ? 73  ARG A CB  1 
ATOM   557 C CG  . ARG A 1 73 ? -4.409  -2.117  12.393  1.00 20.11 ? 73  ARG A CG  1 
ATOM   558 C CD  . ARG A 1 73 ? -2.953  -2.410  12.177  1.00 23.54 ? 73  ARG A CD  1 
ATOM   559 N NE  . ARG A 1 73 ? -2.368  -3.106  13.310  1.00 26.43 ? 73  ARG A NE  1 
ATOM   560 C CZ  . ARG A 1 73 ? -1.076  -3.384  13.427  1.00 29.61 ? 73  ARG A CZ  1 
ATOM   561 N NH1 . ARG A 1 73 ? -0.234  -3.026  12.461  1.00 30.32 ? 73  ARG A NH1 1 
ATOM   562 N NH2 . ARG A 1 73 ? -0.621  -4.019  14.507  1.00 29.79 ? 73  ARG A NH2 1 
ATOM   563 N N   . ILE A 1 74 ? -7.052  0.219   9.263   1.00 18.68 ? 74  ILE A N   1 
ATOM   564 C CA  . ILE A 1 74 ? -7.869  1.329   8.761   1.00 18.94 ? 74  ILE A CA  1 
ATOM   565 C C   . ILE A 1 74 ? -9.302  0.869   8.410   1.00 19.80 ? 74  ILE A C   1 
ATOM   566 O O   . ILE A 1 74 ? -10.015 1.543   7.667   1.00 19.89 ? 74  ILE A O   1 
ATOM   567 C CB  . ILE A 1 74 ? -7.207  2.068   7.549   1.00 18.85 ? 74  ILE A CB  1 
ATOM   568 C CG1 . ILE A 1 74 ? -6.974  1.119   6.375   1.00 17.72 ? 74  ILE A CG1 1 
ATOM   569 C CG2 . ILE A 1 74 ? -5.923  2.797   7.974   1.00 18.22 ? 74  ILE A CG2 1 
ATOM   570 C CD1 . ILE A 1 74 ? -6.692  1.822   5.074   1.00 16.15 ? 74  ILE A CD1 1 
ATOM   571 N N   . GLN A 1 75 ? -9.714  -0.276  8.957   1.00 20.61 ? 75  GLN A N   1 
ATOM   572 C CA  . GLN A 1 75 ? -11.051 -0.866  8.706   1.00 22.01 ? 75  GLN A CA  1 
ATOM   573 C C   . GLN A 1 75 ? -11.323 -1.119  7.229   1.00 21.94 ? 75  GLN A C   1 
ATOM   574 O O   . GLN A 1 75 ? -12.442 -0.910  6.759   1.00 22.18 ? 75  GLN A O   1 
ATOM   575 C CB  . GLN A 1 75 ? -12.211 -0.029  9.293   1.00 22.24 ? 75  GLN A CB  1 
ATOM   576 C CG  . GLN A 1 75 ? -11.909 0.777   10.570  1.00 25.57 ? 75  GLN A CG  1 
ATOM   577 C CD  . GLN A 1 75 ? -11.603 -0.084  11.786  1.00 29.79 ? 75  GLN A CD  1 
ATOM   578 O OE1 . GLN A 1 75 ? -12.045 -1.238  11.882  1.00 31.19 ? 75  GLN A OE1 1 
ATOM   579 N NE2 . GLN A 1 75 ? -10.848 0.480   12.732  1.00 30.77 ? 75  GLN A NE2 1 
ATOM   580 N N   . ARG A 1 76 ? -10.304 -1.565  6.498   1.00 22.08 ? 76  ARG A N   1 
ATOM   581 C CA  . ARG A 1 76 ? -10.486 -1.956  5.106   1.00 21.84 ? 76  ARG A CA  1 
ATOM   582 C C   . ARG A 1 76 ? -10.169 -3.439  4.927   1.00 22.14 ? 76  ARG A C   1 
ATOM   583 O O   . ARG A 1 76 ? -9.431  -3.830  4.022   1.00 22.34 ? 76  ARG A O   1 
ATOM   584 C CB  . ARG A 1 76 ? -9.657  -1.083  4.162   1.00 21.63 ? 76  ARG A CB  1 
ATOM   585 C CG  . ARG A 1 76 ? -10.030 0.405   4.129   1.00 21.41 ? 76  ARG A CG  1 
ATOM   586 C CD  . ARG A 1 76 ? -11.431 0.715   3.553   1.00 22.52 ? 76  ARG A CD  1 
ATOM   587 N NE  . ARG A 1 76 ? -11.784 -0.040  2.337   1.00 22.76 ? 76  ARG A NE  1 
ATOM   588 C CZ  . ARG A 1 76 ? -11.787 0.454   1.097   1.00 22.52 ? 76  ARG A CZ  1 
ATOM   589 N NH1 . ARG A 1 76 ? -11.450 1.719   0.868   1.00 22.89 ? 76  ARG A NH1 1 
ATOM   590 N NH2 . ARG A 1 76 ? -12.142 -0.322  0.076   1.00 21.47 ? 76  ARG A NH2 1 
ATOM   591 N N   . ALA A 1 77 ? -10.739 -4.264  5.801   1.00 22.23 ? 77  ALA A N   1 
ATOM   592 C CA  . ALA A 1 77 ? -10.640 -5.712  5.664   1.00 22.36 ? 77  ALA A CA  1 
ATOM   593 C C   . ALA A 1 77 ? -11.269 -6.205  4.353   1.00 22.54 ? 77  ALA A C   1 
ATOM   594 O O   . ALA A 1 77 ? -10.862 -7.245  3.825   1.00 22.55 ? 77  ALA A O   1 
ATOM   595 C CB  . ALA A 1 77 ? -11.255 -6.409  6.863   1.00 22.37 ? 77  ALA A CB  1 
ATOM   596 N N   . ASP A 1 78 ? -12.233 -5.448  3.815   1.00 22.52 ? 78  ASP A N   1 
ATOM   597 C CA  . ASP A 1 78 ? -12.820 -5.754  2.495   1.00 22.79 ? 78  ASP A CA  1 
ATOM   598 C C   . ASP A 1 78 ? -11.761 -5.875  1.382   1.00 22.87 ? 78  ASP A C   1 
ATOM   599 O O   . ASP A 1 78 ? -11.861 -6.755  0.519   1.00 23.19 ? 78  ASP A O   1 
ATOM   600 C CB  . ASP A 1 78 ? -13.916 -4.742  2.109   1.00 22.72 ? 78  ASP A CB  1 
ATOM   601 C CG  . ASP A 1 78 ? -13.377 -3.328  1.918   1.00 22.66 ? 78  ASP A CG  1 
ATOM   602 O OD1 . ASP A 1 78 ? -12.829 -2.762  2.886   1.00 22.57 ? 78  ASP A OD1 1 
ATOM   603 O OD2 . ASP A 1 78 ? -13.508 -2.781  0.801   1.00 21.06 ? 78  ASP A OD2 1 
ATOM   604 N N   . ILE A 1 79 ? -10.738 -5.018  1.419   1.00 22.89 ? 79  ILE A N   1 
ATOM   605 C CA  . ILE A 1 79 ? -9.617  -5.118  0.474   1.00 22.66 ? 79  ILE A CA  1 
ATOM   606 C C   . ILE A 1 79 ? -8.782  -6.385  0.738   1.00 23.02 ? 79  ILE A C   1 
ATOM   607 O O   . ILE A 1 79 ? -8.362  -7.066  -0.199  1.00 22.78 ? 79  ILE A O   1 
ATOM   608 C CB  . ILE A 1 79 ? -8.721  -3.850  0.475   1.00 22.43 ? 79  ILE A CB  1 
ATOM   609 C CG1 . ILE A 1 79 ? -9.547  -2.604  0.134   1.00 21.44 ? 79  ILE A CG1 1 
ATOM   610 C CG2 . ILE A 1 79 ? -7.545  -4.016  -0.507  1.00 21.19 ? 79  ILE A CG2 1 
ATOM   611 C CD1 . ILE A 1 79 ? -8.732  -1.293  0.053   1.00 20.15 ? 79  ILE A CD1 1 
ATOM   612 N N   . VAL A 1 80 ? -8.570  -6.702  2.014   1.00 23.33 ? 80  VAL A N   1 
ATOM   613 C CA  . VAL A 1 80 ? -7.840  -7.916  2.396   1.00 23.71 ? 80  VAL A CA  1 
ATOM   614 C C   . VAL A 1 80 ? -8.608  -9.160  1.923   1.00 24.36 ? 80  VAL A C   1 
ATOM   615 O O   . VAL A 1 80 ? -8.020  -10.065 1.328   1.00 24.47 ? 80  VAL A O   1 
ATOM   616 C CB  . VAL A 1 80 ? -7.549  -7.969  3.929   1.00 23.51 ? 80  VAL A CB  1 
ATOM   617 C CG1 . VAL A 1 80 ? -6.781  -9.219  4.296   1.00 23.55 ? 80  VAL A CG1 1 
ATOM   618 C CG2 . VAL A 1 80 ? -6.773  -6.744  4.372   1.00 22.41 ? 80  VAL A CG2 1 
ATOM   619 N N   . GLU A 1 81 ? -9.921  -9.177  2.156   1.00 25.23 ? 81  GLU A N   1 
ATOM   620 C CA  . GLU A 1 81 ? -10.791 -10.268 1.696   1.00 25.96 ? 81  GLU A CA  1 
ATOM   621 C C   . GLU A 1 81 ? -10.720 -10.413 0.172   1.00 25.83 ? 81  GLU A C   1 
ATOM   622 O O   . GLU A 1 81 ? -10.559 -11.523 -0.346  1.00 25.92 ? 81  GLU A O   1 
ATOM   623 C CB  . GLU A 1 81 ? -12.256 -10.060 2.141   1.00 26.24 ? 81  GLU A CB  1 
ATOM   624 C CG  . GLU A 1 81 ? -12.518 -9.953  3.660   1.00 28.56 ? 81  GLU A CG  1 
ATOM   625 C CD  . GLU A 1 81 ? -12.210 -11.245 4.450   1.00 33.36 ? 81  GLU A CD  1 
ATOM   626 O OE1 . GLU A 1 81 ? -11.953 -12.297 3.816   1.00 34.47 ? 81  GLU A OE1 1 
ATOM   627 O OE2 . GLU A 1 81 ? -12.217 -11.204 5.715   1.00 34.15 ? 81  GLU A OE2 1 
ATOM   628 N N   . SER A 1 82 ? -10.818 -9.283  -0.528  1.00 25.75 ? 82  SER A N   1 
ATOM   629 C CA  . SER A 1 82 ? -10.835 -9.253  -1.992  1.00 25.92 ? 82  SER A CA  1 
ATOM   630 C C   . SER A 1 82 ? -9.539  -9.751  -2.631  1.00 26.12 ? 82  SER A C   1 
ATOM   631 O O   . SER A 1 82 ? -9.556  -10.390 -3.691  1.00 26.09 ? 82  SER A O   1 
ATOM   632 C CB  . SER A 1 82 ? -11.155 -7.837  -2.480  1.00 26.07 ? 82  SER A CB  1 
ATOM   633 O OG  . SER A 1 82 ? -11.151 -7.768  -3.893  1.00 26.47 ? 82  SER A OG  1 
ATOM   634 N N   . LEU A 1 83 ? -8.421  -9.461  -1.977  1.00 26.29 ? 83  LEU A N   1 
ATOM   635 C CA  . LEU A 1 83 ? -7.113  -9.864  -2.468  1.00 26.67 ? 83  LEU A CA  1 
ATOM   636 C C   . LEU A 1 83 ? -6.823  -11.318 -2.169  1.00 27.19 ? 83  LEU A C   1 
ATOM   637 O O   . LEU A 1 83 ? -6.057  -11.959 -2.882  1.00 27.17 ? 83  LEU A O   1 
ATOM   638 C CB  . LEU A 1 83 ? -6.013  -8.985  -1.864  1.00 26.32 ? 83  LEU A CB  1 
ATOM   639 C CG  . LEU A 1 83 ? -5.857  -7.589  -2.465  1.00 25.31 ? 83  LEU A CG  1 
ATOM   640 C CD1 . LEU A 1 83 ? -5.015  -6.730  -1.550  1.00 23.51 ? 83  LEU A CD1 1 
ATOM   641 C CD2 . LEU A 1 83 ? -5.265  -7.656  -3.879  1.00 24.43 ? 83  LEU A CD2 1 
ATOM   642 N N   . CYS A 1 84 ? -7.425  -11.829 -1.101  1.00 28.04 ? 84  CYS A N   1 
ATOM   643 C CA  . CYS A 1 84 ? -7.223  -13.214 -0.688  1.00 28.71 ? 84  CYS A CA  1 
ATOM   644 C C   . CYS A 1 84 ? -8.177  -14.180 -1.407  1.00 29.71 ? 84  CYS A C   1 
ATOM   645 O O   . CYS A 1 84 ? -8.077  -15.398 -1.241  1.00 29.91 ? 84  CYS A O   1 
ATOM   646 C CB  . CYS A 1 84 ? -7.381  -13.335 0.832   1.00 28.73 ? 84  CYS A CB  1 
ATOM   647 S SG  . CYS A 1 84 ? -6.084  -12.530 1.834   1.00 27.06 ? 84  CYS A SG  1 
ATOM   648 N N   . SER A 1 85 ? -9.088  -13.627 -2.209  1.00 30.82 ? 85  SER A N   1 
ATOM   649 C CA  . SER A 1 85 ? -10.131 -14.394 -2.903  1.00 31.92 ? 85  SER A CA  1 
ATOM   650 C C   . SER A 1 85 ? -9.593  -15.343 -3.990  1.00 32.37 ? 85  SER A C   1 
ATOM   651 O O   . SER A 1 85 ? -8.975  -14.915 -4.978  1.00 32.64 ? 85  SER A O   1 
ATOM   652 C CB  . SER A 1 85 ? -11.150 -13.435 -3.513  1.00 32.17 ? 85  SER A CB  1 
ATOM   653 O OG  . SER A 1 85 ? -12.382 -14.085 -3.755  1.00 33.80 ? 85  SER A OG  1 
HETATM 654 C C6  . MNB B 2 .  ? -2.911  4.144   -11.843 1.00 34.05 ? 101 MNB A C6  1 
HETATM 655 C C1  . MNB B 2 .  ? -3.535  2.945   -11.513 1.00 35.81 ? 101 MNB A C1  1 
HETATM 656 C C2  . MNB B 2 .  ? -2.735  1.673   -11.477 1.00 35.92 ? 101 MNB A C2  1 
HETATM 657 C C3  . MNB B 2 .  ? -1.375  1.758   -11.783 1.00 34.82 ? 101 MNB A C3  1 
HETATM 658 C C4  . MNB B 2 .  ? -0.802  2.987   -12.107 1.00 34.25 ? 101 MNB A C4  1 
HETATM 659 C C5  . MNB B 2 .  ? -1.553  4.164   -12.136 1.00 33.39 ? 101 MNB A C5  1 
HETATM 660 S S5  . MNB B 2 .  ? -0.812  5.637   -12.558 1.00 30.45 ? 101 MNB A S5  1 
HETATM 661 C C10 . MNB B 2 .  ? -4.999  3.010   -11.207 1.00 37.17 ? 101 MNB A C10 1 
HETATM 662 O O12 . MNB B 2 .  ? -5.802  2.395   -11.939 1.00 38.38 ? 101 MNB A O12 1 
HETATM 663 O O11 . MNB B 2 .  ? -5.377  3.697   -10.232 1.00 38.82 ? 101 MNB A O11 1 
HETATM 664 N N7  . MNB B 2 .  ? -3.291  0.404   -11.155 1.00 36.39 ? 101 MNB A N7  1 
HETATM 665 O O9  . MNB B 2 .  ? -2.730  -0.646  -11.477 1.00 34.94 ? 101 MNB A O9  1 
HETATM 666 O O8  . MNB B 2 .  ? -4.347  0.328   -10.551 1.00 37.00 ? 101 MNB A O8  1 
HETATM 667 C C6  . MNB C 2 .  ? -2.662  -13.600 -0.842  1.00 30.00 ? 102 MNB A C6  1 
HETATM 668 C C1  . MNB C 2 .  ? -1.957  -12.982 -1.873  1.00 31.60 ? 102 MNB A C1  1 
HETATM 669 C C2  . MNB C 2 .  ? -2.049  -11.490 -2.026  1.00 32.17 ? 102 MNB A C2  1 
HETATM 670 C C3  . MNB C 2 .  ? -2.828  -10.774 -1.120  1.00 31.33 ? 102 MNB A C3  1 
HETATM 671 C C4  . MNB C 2 .  ? -3.508  -11.440 -0.113  1.00 30.36 ? 102 MNB A C4  1 
HETATM 672 C C5  . MNB C 2 .  ? -3.429  -12.824 0.026   1.00 29.86 ? 102 MNB A C5  1 
HETATM 673 S S5  . MNB C 2 .  ? -4.290  -13.550 1.292   1.00 27.80 ? 102 MNB A S5  1 
HETATM 674 C C10 . MNB C 2 .  ? -1.148  -13.837 -2.802  1.00 31.91 ? 102 MNB A C10 1 
HETATM 675 O O12 . MNB C 2 .  ? -1.733  -14.329 -3.785  1.00 33.81 ? 102 MNB A O12 1 
HETATM 676 O O11 . MNB C 2 .  ? 0.068   -14.046 -2.586  1.00 31.45 ? 102 MNB A O11 1 
HETATM 677 N N7  . MNB C 2 .  ? -1.369  -10.772 -3.029  1.00 33.22 ? 102 MNB A N7  1 
HETATM 678 O O9  . MNB C 2 .  ? -1.652  -9.607  -3.255  1.00 32.64 ? 102 MNB A O9  1 
HETATM 679 O O8  . MNB C 2 .  ? -0.469  -11.284 -3.677  1.00 35.01 ? 102 MNB A O8  1 
HETATM 680 O O   . HOH D 3 .  ? 6.618   11.004  7.018   1.00 12.68 ? 201 HOH A O   1 
HETATM 681 O O   . HOH D 3 .  ? 10.134  8.952   0.589   1.00 14.79 ? 202 HOH A O   1 
HETATM 682 O O   . HOH D 3 .  ? 4.838   7.051   -10.742 1.00 16.40 ? 203 HOH A O   1 
HETATM 683 O O   . HOH D 3 .  ? -12.774 -3.786  8.025   1.00 11.49 ? 204 HOH A O   1 
HETATM 684 O O   . HOH D 3 .  ? 5.239   -0.358  -5.772  1.00 8.59  ? 205 HOH A O   1 
HETATM 685 O O   . HOH D 3 .  ? 1.878   -0.093  -15.448 1.00 15.22 ? 206 HOH A O   1 
HETATM 686 O O   . HOH D 3 .  ? -1.619  4.318   13.200  1.00 18.55 ? 207 HOH A O   1 
HETATM 687 O O   . HOH D 3 .  ? 8.700   -4.825  0.169   1.00 16.60 ? 208 HOH A O   1 
HETATM 688 O O   . HOH D 3 .  ? 7.761   -2.456  -3.705  1.00 26.14 ? 209 HOH A O   1 
HETATM 689 O O   . HOH D 3 .  ? 3.644   -10.245 -13.409 1.00 23.07 ? 210 HOH A O   1 
HETATM 690 O O   . HOH D 3 .  ? -4.162  13.338  -3.110  1.00 24.97 ? 211 HOH A O   1 
HETATM 691 O O   . HOH D 3 .  ? 7.795   9.657   8.584   1.00 22.79 ? 212 HOH A O   1 
HETATM 692 O O   . HOH D 3 .  ? 8.348   4.710   7.107   1.00 30.03 ? 213 HOH A O   1 
HETATM 693 O O   . HOH D 3 .  ? 8.178   7.246   7.295   1.00 59.05 ? 214 HOH A O   1 
HETATM 694 O O   . HOH D 3 .  ? 5.918   9.222   -11.658 1.00 21.33 ? 215 HOH A O   1 
HETATM 695 O O   . HOH D 3 .  ? 10.299  -1.105  -3.426  1.00 24.97 ? 216 HOH A O   1 
HETATM 696 O O   . HOH D 3 .  ? -2.205  0.690   14.269  1.00 40.34 ? 217 HOH A O   1 
HETATM 697 O O   . HOH D 3 .  ? -0.318  -1.029  10.920  1.00 26.24 ? 218 HOH A O   1 
HETATM 698 O O   . HOH D 3 .  ? 1.394   -3.423  9.720   1.00 57.82 ? 219 HOH A O   1 
HETATM 699 O O   . HOH D 3 .  ? -0.486  11.413  8.109   1.00 23.47 ? 220 HOH A O   1 
HETATM 700 O O   . HOH D 3 .  ? 9.698   8.971   -6.990  1.00 28.37 ? 221 HOH A O   1 
# 
loop_
_pdbx_poly_seq_scheme.asym_id 
_pdbx_poly_seq_scheme.entity_id 
_pdbx_poly_seq_scheme.seq_id 
_pdbx_poly_seq_scheme.mon_id 
_pdbx_poly_seq_scheme.ndb_seq_num 
_pdbx_poly_seq_scheme.pdb_seq_num 
_pdbx_poly_seq_scheme.auth_seq_num 
_pdbx_poly_seq_scheme.pdb_mon_id 
_pdbx_poly_seq_scheme.auth_mon_id 
_pdbx_poly_seq_scheme.pdb_strand_id 
_pdbx_poly_seq_scheme.pdb_ins_code 
_pdbx_poly_seq_scheme.hetero 
A 1 1  MET 1  1  ?  ?   ?   A . n 
A 1 2  GLY 2  2  2  GLY GLY A . n 
A 1 3  ASN 3  3  3  ASN ASN A . n 
A 1 4  LEU 4  4  4  LEU LEU A . n 
A 1 5  TYR 5  5  5  TYR TYR A . n 
A 1 6  SER 6  6  6  SER SER A . n 
A 1 7  SER 7  7  7  SER SER A . n 
A 1 8  LEU 8  8  8  LEU LEU A . n 
A 1 9  PRO 9  9  9  PRO PRO A . n 
A 1 10 LEU 10 10 10 LEU LEU A . n 
A 1 11 THR 11 11 11 THR THR A . n 
A 1 12 LYS 12 12 12 LYS LYS A . n 
A 1 13 ARG 13 13 13 ARG ARG A . n 
A 1 14 GLU 14 14 14 GLU GLU A . n 
A 1 15 GLU 15 15 15 GLU GLU A . n 
A 1 16 VAL 16 16 16 VAL VAL A . n 
A 1 17 GLU 17 17 17 GLU GLU A . n 
A 1 18 LYS 18 18 18 LYS LYS A . n 
A 1 19 LEU 19 19 19 LEU LEU A . n 
A 1 20 LEU 20 20 20 LEU LEU A . n 
A 1 21 ASN 21 21 21 ASN ASN A . n 
A 1 22 GLY 22 22 22 GLY GLY A . n 
A 1 23 ASP 23 23 23 ASP ASP A . n 
A 1 24 THR 24 24 24 THR THR A . n 
A 1 25 TRP 25 25 25 TRP TRP A . n 
A 1 26 ARG 26 26 26 ARG ARG A . n 
A 1 27 HIS 27 27 27 HIS HIS A . n 
A 1 28 LEU 28 28 28 LEU LEU A . n 
A 1 29 ALA 29 29 29 ALA ALA A . n 
A 1 30 GLY 30 30 30 GLY GLY A . n 
A 1 31 GLU 31 31 31 GLU GLU A . n 
A 1 32 LEU 32 32 32 LEU LEU A . n 
A 1 33 GLY 33 33 33 GLY GLY A . n 
A 1 34 TYR 34 34 34 TYR TYR A . n 
A 1 35 GLN 35 35 35 GLN GLN A . n 
A 1 36 PRO 36 36 36 PRO PRO A . n 
A 1 37 GLU 37 37 37 GLU GLU A . n 
A 1 38 HIS 38 38 38 HIS HIS A . n 
A 1 39 ILE 39 39 39 ILE ILE A . n 
A 1 40 ASP 40 40 40 ASP ASP A . n 
A 1 41 SER 41 41 41 SER SER A . n 
A 1 42 PHE 42 42 42 PHE PHE A . n 
A 1 43 THR 43 43 43 THR THR A . n 
A 1 44 HIS 44 44 44 HIS HIS A . n 
A 1 45 GLU 45 45 45 GLU GLU A . n 
A 1 46 ALA 46 46 46 ALA ALA A . n 
A 1 47 CYS 47 47 47 CYS CYS A . n 
A 1 48 PRO 48 48 48 PRO PRO A . n 
A 1 49 VAL 49 49 49 VAL VAL A . n 
A 1 50 ARG 50 50 50 ARG ARG A . n 
A 1 51 ALA 51 51 51 ALA ALA A . n 
A 1 52 LEU 52 52 52 LEU LEU A . n 
A 1 53 LEU 53 53 53 LEU LEU A . n 
A 1 54 ALA 54 54 54 ALA ALA A . n 
A 1 55 SER 55 55 55 SER SER A . n 
A 1 56 TRP 56 56 56 TRP TRP A . n 
A 1 57 GLY 57 57 57 GLY GLY A . n 
A 1 58 ALA 58 58 58 ALA ALA A . n 
A 1 59 GLN 59 59 59 GLN GLN A . n 
A 1 60 ASP 60 60 60 ASP ASP A . n 
A 1 61 SER 61 61 61 SER SER A . n 
A 1 62 ALA 62 62 62 ALA ALA A . n 
A 1 63 THR 63 63 63 THR THR A . n 
A 1 64 LEU 64 64 64 LEU LEU A . n 
A 1 65 ASP 65 65 65 ASP ASP A . n 
A 1 66 ALA 66 66 66 ALA ALA A . n 
A 1 67 LEU 67 67 67 LEU LEU A . n 
A 1 68 LEU 68 68 68 LEU LEU A . n 
A 1 69 ALA 69 69 69 ALA ALA A . n 
A 1 70 ALA 70 70 70 ALA ALA A . n 
A 1 71 LEU 71 71 71 LEU LEU A . n 
A 1 72 ARG 72 72 72 ARG ARG A . n 
A 1 73 ARG 73 73 73 ARG ARG A . n 
A 1 74 ILE 74 74 74 ILE ILE A . n 
A 1 75 GLN 75 75 75 GLN GLN A . n 
A 1 76 ARG 76 76 76 ARG ARG A . n 
A 1 77 ALA 77 77 77 ALA ALA A . n 
A 1 78 ASP 78 78 78 ASP ASP A . n 
A 1 79 ILE 79 79 79 ILE ILE A . n 
A 1 80 VAL 80 80 80 VAL VAL A . n 
A 1 81 GLU 81 81 81 GLU GLU A . n 
A 1 82 SER 82 82 82 SER SER A . n 
A 1 83 LEU 83 83 83 LEU LEU A . n 
A 1 84 CYS 84 84 84 CYS CYS A . n 
A 1 85 SER 85 85 85 SER SER A . n 
A 1 86 GLU 86 86 ?  ?   ?   A . n 
A 1 87 LEU 87 87 ?  ?   ?   A . n 
A 1 88 GLU 88 88 ?  ?   ?   A . n 
A 1 89 HIS 89 89 ?  ?   ?   A . n 
A 1 90 HIS 90 90 ?  ?   ?   A . n 
A 1 91 HIS 91 91 ?  ?   ?   A . n 
A 1 92 HIS 92 92 ?  ?   ?   A . n 
A 1 93 HIS 93 93 ?  ?   ?   A . n 
A 1 94 HIS 94 94 ?  ?   ?   A . n 
# 
loop_
_pdbx_nonpoly_scheme.asym_id 
_pdbx_nonpoly_scheme.entity_id 
_pdbx_nonpoly_scheme.mon_id 
_pdbx_nonpoly_scheme.ndb_seq_num 
_pdbx_nonpoly_scheme.pdb_seq_num 
_pdbx_nonpoly_scheme.auth_seq_num 
_pdbx_nonpoly_scheme.pdb_mon_id 
_pdbx_nonpoly_scheme.auth_mon_id 
_pdbx_nonpoly_scheme.pdb_strand_id 
_pdbx_nonpoly_scheme.pdb_ins_code 
B 2 MNB 1  101 101 MNB MNB A . 
C 2 MNB 1  102 102 MNB MNB A . 
D 3 HOH 1  201 201 HOH HOH A . 
D 3 HOH 2  202 202 HOH HOH A . 
D 3 HOH 3  203 203 HOH HOH A . 
D 3 HOH 4  204 204 HOH HOH A . 
D 3 HOH 5  205 205 HOH HOH A . 
D 3 HOH 6  206 206 HOH HOH A . 
D 3 HOH 7  207 207 HOH HOH A . 
D 3 HOH 8  208 208 HOH HOH A . 
D 3 HOH 9  209 209 HOH HOH A . 
D 3 HOH 10 210 210 HOH HOH A . 
D 3 HOH 11 211 211 HOH HOH A . 
D 3 HOH 12 212 212 HOH HOH A . 
D 3 HOH 13 213 213 HOH HOH A . 
D 3 HOH 14 214 214 HOH HOH A . 
D 3 HOH 15 215 215 HOH HOH A . 
D 3 HOH 16 216 216 HOH HOH A . 
D 3 HOH 17 217 217 HOH HOH A . 
D 3 HOH 18 218 218 HOH HOH A . 
D 3 HOH 19 219 219 HOH HOH A . 
D 3 HOH 20 220 220 HOH HOH A . 
D 3 HOH 21 221 221 HOH HOH A . 
# 
_pdbx_struct_assembly.id                   1 
_pdbx_struct_assembly.details              author_and_software_defined_assembly 
_pdbx_struct_assembly.method_details       PISA 
_pdbx_struct_assembly.oligomeric_details   monomeric 
_pdbx_struct_assembly.oligomeric_count     1 
# 
_pdbx_struct_assembly_gen.assembly_id       1 
_pdbx_struct_assembly_gen.oper_expression   1 
_pdbx_struct_assembly_gen.asym_id_list      A,B,C,D 
# 
_pdbx_struct_oper_list.id                   1 
_pdbx_struct_oper_list.type                 'identity operation' 
_pdbx_struct_oper_list.name                 1_555 
_pdbx_struct_oper_list.symmetry_operation   x,y,z 
_pdbx_struct_oper_list.matrix[1][1]         1.0000000000 
_pdbx_struct_oper_list.matrix[1][2]         0.0000000000 
_pdbx_struct_oper_list.matrix[1][3]         0.0000000000 
_pdbx_struct_oper_list.vector[1]            0.0000000000 
_pdbx_struct_oper_list.matrix[2][1]         0.0000000000 
_pdbx_struct_oper_list.matrix[2][2]         1.0000000000 
_pdbx_struct_oper_list.matrix[2][3]         0.0000000000 
_pdbx_struct_oper_list.vector[2]            0.0000000000 
_pdbx_struct_oper_list.matrix[3][1]         0.0000000000 
_pdbx_struct_oper_list.matrix[3][2]         0.0000000000 
_pdbx_struct_oper_list.matrix[3][3]         1.0000000000 
_pdbx_struct_oper_list.vector[3]            0.0000000000 
# 
loop_
_pdbx_audit_revision_history.ordinal 
_pdbx_audit_revision_history.data_content_type 
_pdbx_audit_revision_history.major_revision 
_pdbx_audit_revision_history.minor_revision 
_pdbx_audit_revision_history.revision_date 
1 'Structure model' 1 0 2013-05-15 
2 'Structure model' 1 1 2023-11-08 
# 
_pdbx_audit_revision_details.ordinal             1 
_pdbx_audit_revision_details.revision_ordinal    1 
_pdbx_audit_revision_details.data_content_type   'Structure model' 
_pdbx_audit_revision_details.provider            repository 
_pdbx_audit_revision_details.type                'Initial release' 
_pdbx_audit_revision_details.description         ? 
_pdbx_audit_revision_details.details             ? 
# 
loop_
_pdbx_audit_revision_group.ordinal 
_pdbx_audit_revision_group.revision_ordinal 
_pdbx_audit_revision_group.data_content_type 
_pdbx_audit_revision_group.group 
1 2 'Structure model' 'Data collection'        
2 2 'Structure model' 'Database references'    
3 2 'Structure model' 'Derived calculations'   
4 2 'Structure model' 'Refinement description' 
# 
loop_
_pdbx_audit_revision_category.ordinal 
_pdbx_audit_revision_category.revision_ordinal 
_pdbx_audit_revision_category.data_content_type 
_pdbx_audit_revision_category.category 
1 2 'Structure model' chem_comp_atom                
2 2 'Structure model' chem_comp_bond                
3 2 'Structure model' database_2                    
4 2 'Structure model' pdbx_initial_refinement_model 
5 2 'Structure model' struct_ref_seq_dif            
6 2 'Structure model' struct_site                   
# 
loop_
_pdbx_audit_revision_item.ordinal 
_pdbx_audit_revision_item.revision_ordinal 
_pdbx_audit_revision_item.data_content_type 
_pdbx_audit_revision_item.item 
1 2 'Structure model' '_database_2.pdbx_DOI'                
2 2 'Structure model' '_database_2.pdbx_database_accession' 
3 2 'Structure model' '_struct_ref_seq_dif.details'         
4 2 'Structure model' '_struct_site.pdbx_auth_asym_id'      
5 2 'Structure model' '_struct_site.pdbx_auth_comp_id'      
6 2 'Structure model' '_struct_site.pdbx_auth_seq_id'       
# 
loop_
_software.name 
_software.classification 
_software.version 
_software.citation_id 
_software.pdbx_ordinal 
CrystalClear 'data collection' .        ? 1 
MOLREP       phasing           .        ? 2 
REFMAC       refinement        5.5.0109 ? 3 
MOSFLM       'data reduction'  .        ? 4 
SCALA        'data scaling'    .        ? 5 
# 
_pdbx_validate_close_contact.id               1 
_pdbx_validate_close_contact.PDB_model_num    1 
_pdbx_validate_close_contact.auth_atom_id_1   SG 
_pdbx_validate_close_contact.auth_asym_id_1   A 
_pdbx_validate_close_contact.auth_comp_id_1   CYS 
_pdbx_validate_close_contact.auth_seq_id_1    84 
_pdbx_validate_close_contact.PDB_ins_code_1   ? 
_pdbx_validate_close_contact.label_alt_id_1   ? 
_pdbx_validate_close_contact.auth_atom_id_2   S5 
_pdbx_validate_close_contact.auth_asym_id_2   A 
_pdbx_validate_close_contact.auth_comp_id_2   MNB 
_pdbx_validate_close_contact.auth_seq_id_2    102 
_pdbx_validate_close_contact.PDB_ins_code_2   ? 
_pdbx_validate_close_contact.label_alt_id_2   ? 
_pdbx_validate_close_contact.dist             2.13 
# 
loop_
_pdbx_unobs_or_zero_occ_residues.id 
_pdbx_unobs_or_zero_occ_residues.PDB_model_num 
_pdbx_unobs_or_zero_occ_residues.polymer_flag 
_pdbx_unobs_or_zero_occ_residues.occupancy_flag 
_pdbx_unobs_or_zero_occ_residues.auth_asym_id 
_pdbx_unobs_or_zero_occ_residues.auth_comp_id 
_pdbx_unobs_or_zero_occ_residues.auth_seq_id 
_pdbx_unobs_or_zero_occ_residues.PDB_ins_code 
_pdbx_unobs_or_zero_occ_residues.label_asym_id 
_pdbx_unobs_or_zero_occ_residues.label_comp_id 
_pdbx_unobs_or_zero_occ_residues.label_seq_id 
1  1 Y 1 A MET 1  ? A MET 1  
2  1 Y 1 A GLU 86 ? A GLU 86 
3  1 Y 1 A LEU 87 ? A LEU 87 
4  1 Y 1 A GLU 88 ? A GLU 88 
5  1 Y 1 A HIS 89 ? A HIS 89 
6  1 Y 1 A HIS 90 ? A HIS 90 
7  1 Y 1 A HIS 91 ? A HIS 91 
8  1 Y 1 A HIS 92 ? A HIS 92 
9  1 Y 1 A HIS 93 ? A HIS 93 
10 1 Y 1 A HIS 94 ? A HIS 94 
# 
loop_
_chem_comp_atom.comp_id 
_chem_comp_atom.atom_id 
_chem_comp_atom.type_symbol 
_chem_comp_atom.pdbx_aromatic_flag 
_chem_comp_atom.pdbx_stereo_config 
_chem_comp_atom.pdbx_ordinal 
ALA N    N N N 1   
ALA CA   C N S 2   
ALA C    C N N 3   
ALA O    O N N 4   
ALA CB   C N N 5   
ALA OXT  O N N 6   
ALA H    H N N 7   
ALA H2   H N N 8   
ALA HA   H N N 9   
ALA HB1  H N N 10  
ALA HB2  H N N 11  
ALA HB3  H N N 12  
ALA HXT  H N N 13  
ARG N    N N N 14  
ARG CA   C N S 15  
ARG C    C N N 16  
ARG O    O N N 17  
ARG CB   C N N 18  
ARG CG   C N N 19  
ARG CD   C N N 20  
ARG NE   N N N 21  
ARG CZ   C N N 22  
ARG NH1  N N N 23  
ARG NH2  N N N 24  
ARG OXT  O N N 25  
ARG H    H N N 26  
ARG H2   H N N 27  
ARG HA   H N N 28  
ARG HB2  H N N 29  
ARG HB3  H N N 30  
ARG HG2  H N N 31  
ARG HG3  H N N 32  
ARG HD2  H N N 33  
ARG HD3  H N N 34  
ARG HE   H N N 35  
ARG HH11 H N N 36  
ARG HH12 H N N 37  
ARG HH21 H N N 38  
ARG HH22 H N N 39  
ARG HXT  H N N 40  
ASN N    N N N 41  
ASN CA   C N S 42  
ASN C    C N N 43  
ASN O    O N N 44  
ASN CB   C N N 45  
ASN CG   C N N 46  
ASN OD1  O N N 47  
ASN ND2  N N N 48  
ASN OXT  O N N 49  
ASN H    H N N 50  
ASN H2   H N N 51  
ASN HA   H N N 52  
ASN HB2  H N N 53  
ASN HB3  H N N 54  
ASN HD21 H N N 55  
ASN HD22 H N N 56  
ASN HXT  H N N 57  
ASP N    N N N 58  
ASP CA   C N S 59  
ASP C    C N N 60  
ASP O    O N N 61  
ASP CB   C N N 62  
ASP CG   C N N 63  
ASP OD1  O N N 64  
ASP OD2  O N N 65  
ASP OXT  O N N 66  
ASP H    H N N 67  
ASP H2   H N N 68  
ASP HA   H N N 69  
ASP HB2  H N N 70  
ASP HB3  H N N 71  
ASP HD2  H N N 72  
ASP HXT  H N N 73  
CYS N    N N N 74  
CYS CA   C N R 75  
CYS C    C N N 76  
CYS O    O N N 77  
CYS CB   C N N 78  
CYS SG   S N N 79  
CYS OXT  O N N 80  
CYS H    H N N 81  
CYS H2   H N N 82  
CYS HA   H N N 83  
CYS HB2  H N N 84  
CYS HB3  H N N 85  
CYS HG   H N N 86  
CYS HXT  H N N 87  
GLN N    N N N 88  
GLN CA   C N S 89  
GLN C    C N N 90  
GLN O    O N N 91  
GLN CB   C N N 92  
GLN CG   C N N 93  
GLN CD   C N N 94  
GLN OE1  O N N 95  
GLN NE2  N N N 96  
GLN OXT  O N N 97  
GLN H    H N N 98  
GLN H2   H N N 99  
GLN HA   H N N 100 
GLN HB2  H N N 101 
GLN HB3  H N N 102 
GLN HG2  H N N 103 
GLN HG3  H N N 104 
GLN HE21 H N N 105 
GLN HE22 H N N 106 
GLN HXT  H N N 107 
GLU N    N N N 108 
GLU CA   C N S 109 
GLU C    C N N 110 
GLU O    O N N 111 
GLU CB   C N N 112 
GLU CG   C N N 113 
GLU CD   C N N 114 
GLU OE1  O N N 115 
GLU OE2  O N N 116 
GLU OXT  O N N 117 
GLU H    H N N 118 
GLU H2   H N N 119 
GLU HA   H N N 120 
GLU HB2  H N N 121 
GLU HB3  H N N 122 
GLU HG2  H N N 123 
GLU HG3  H N N 124 
GLU HE2  H N N 125 
GLU HXT  H N N 126 
GLY N    N N N 127 
GLY CA   C N N 128 
GLY C    C N N 129 
GLY O    O N N 130 
GLY OXT  O N N 131 
GLY H    H N N 132 
GLY H2   H N N 133 
GLY HA2  H N N 134 
GLY HA3  H N N 135 
GLY HXT  H N N 136 
HIS N    N N N 137 
HIS CA   C N S 138 
HIS C    C N N 139 
HIS O    O N N 140 
HIS CB   C N N 141 
HIS CG   C Y N 142 
HIS ND1  N Y N 143 
HIS CD2  C Y N 144 
HIS CE1  C Y N 145 
HIS NE2  N Y N 146 
HIS OXT  O N N 147 
HIS H    H N N 148 
HIS H2   H N N 149 
HIS HA   H N N 150 
HIS HB2  H N N 151 
HIS HB3  H N N 152 
HIS HD1  H N N 153 
HIS HD2  H N N 154 
HIS HE1  H N N 155 
HIS HE2  H N N 156 
HIS HXT  H N N 157 
HOH O    O N N 158 
HOH H1   H N N 159 
HOH H2   H N N 160 
ILE N    N N N 161 
ILE CA   C N S 162 
ILE C    C N N 163 
ILE O    O N N 164 
ILE CB   C N S 165 
ILE CG1  C N N 166 
ILE CG2  C N N 167 
ILE CD1  C N N 168 
ILE OXT  O N N 169 
ILE H    H N N 170 
ILE H2   H N N 171 
ILE HA   H N N 172 
ILE HB   H N N 173 
ILE HG12 H N N 174 
ILE HG13 H N N 175 
ILE HG21 H N N 176 
ILE HG22 H N N 177 
ILE HG23 H N N 178 
ILE HD11 H N N 179 
ILE HD12 H N N 180 
ILE HD13 H N N 181 
ILE HXT  H N N 182 
LEU N    N N N 183 
LEU CA   C N S 184 
LEU C    C N N 185 
LEU O    O N N 186 
LEU CB   C N N 187 
LEU CG   C N N 188 
LEU CD1  C N N 189 
LEU CD2  C N N 190 
LEU OXT  O N N 191 
LEU H    H N N 192 
LEU H2   H N N 193 
LEU HA   H N N 194 
LEU HB2  H N N 195 
LEU HB3  H N N 196 
LEU HG   H N N 197 
LEU HD11 H N N 198 
LEU HD12 H N N 199 
LEU HD13 H N N 200 
LEU HD21 H N N 201 
LEU HD22 H N N 202 
LEU HD23 H N N 203 
LEU HXT  H N N 204 
LYS N    N N N 205 
LYS CA   C N S 206 
LYS C    C N N 207 
LYS O    O N N 208 
LYS CB   C N N 209 
LYS CG   C N N 210 
LYS CD   C N N 211 
LYS CE   C N N 212 
LYS NZ   N N N 213 
LYS OXT  O N N 214 
LYS H    H N N 215 
LYS H2   H N N 216 
LYS HA   H N N 217 
LYS HB2  H N N 218 
LYS HB3  H N N 219 
LYS HG2  H N N 220 
LYS HG3  H N N 221 
LYS HD2  H N N 222 
LYS HD3  H N N 223 
LYS HE2  H N N 224 
LYS HE3  H N N 225 
LYS HZ1  H N N 226 
LYS HZ2  H N N 227 
LYS HZ3  H N N 228 
LYS HXT  H N N 229 
MET N    N N N 230 
MET CA   C N S 231 
MET C    C N N 232 
MET O    O N N 233 
MET CB   C N N 234 
MET CG   C N N 235 
MET SD   S N N 236 
MET CE   C N N 237 
MET OXT  O N N 238 
MET H    H N N 239 
MET H2   H N N 240 
MET HA   H N N 241 
MET HB2  H N N 242 
MET HB3  H N N 243 
MET HG2  H N N 244 
MET HG3  H N N 245 
MET HE1  H N N 246 
MET HE2  H N N 247 
MET HE3  H N N 248 
MET HXT  H N N 249 
MNB C6   C Y N 250 
MNB C1   C Y N 251 
MNB C2   C Y N 252 
MNB C3   C Y N 253 
MNB C4   C Y N 254 
MNB C5   C Y N 255 
MNB S5   S N N 256 
MNB C10  C N N 257 
MNB O12  O N N 258 
MNB O11  O N N 259 
MNB N7   N N N 260 
MNB O9   O N N 261 
MNB O8   O N N 262 
MNB HC6  H N N 263 
MNB HC3  H N N 264 
MNB HC4  H N N 265 
MNB HS5  H N N 266 
MNB H12  H N N 267 
PHE N    N N N 268 
PHE CA   C N S 269 
PHE C    C N N 270 
PHE O    O N N 271 
PHE CB   C N N 272 
PHE CG   C Y N 273 
PHE CD1  C Y N 274 
PHE CD2  C Y N 275 
PHE CE1  C Y N 276 
PHE CE2  C Y N 277 
PHE CZ   C Y N 278 
PHE OXT  O N N 279 
PHE H    H N N 280 
PHE H2   H N N 281 
PHE HA   H N N 282 
PHE HB2  H N N 283 
PHE HB3  H N N 284 
PHE HD1  H N N 285 
PHE HD2  H N N 286 
PHE HE1  H N N 287 
PHE HE2  H N N 288 
PHE HZ   H N N 289 
PHE HXT  H N N 290 
PRO N    N N N 291 
PRO CA   C N S 292 
PRO C    C N N 293 
PRO O    O N N 294 
PRO CB   C N N 295 
PRO CG   C N N 296 
PRO CD   C N N 297 
PRO OXT  O N N 298 
PRO H    H N N 299 
PRO HA   H N N 300 
PRO HB2  H N N 301 
PRO HB3  H N N 302 
PRO HG2  H N N 303 
PRO HG3  H N N 304 
PRO HD2  H N N 305 
PRO HD3  H N N 306 
PRO HXT  H N N 307 
SER N    N N N 308 
SER CA   C N S 309 
SER C    C N N 310 
SER O    O N N 311 
SER CB   C N N 312 
SER OG   O N N 313 
SER OXT  O N N 314 
SER H    H N N 315 
SER H2   H N N 316 
SER HA   H N N 317 
SER HB2  H N N 318 
SER HB3  H N N 319 
SER HG   H N N 320 
SER HXT  H N N 321 
THR N    N N N 322 
THR CA   C N S 323 
THR C    C N N 324 
THR O    O N N 325 
THR CB   C N R 326 
THR OG1  O N N 327 
THR CG2  C N N 328 
THR OXT  O N N 329 
THR H    H N N 330 
THR H2   H N N 331 
THR HA   H N N 332 
THR HB   H N N 333 
THR HG1  H N N 334 
THR HG21 H N N 335 
THR HG22 H N N 336 
THR HG23 H N N 337 
THR HXT  H N N 338 
TRP N    N N N 339 
TRP CA   C N S 340 
TRP C    C N N 341 
TRP O    O N N 342 
TRP CB   C N N 343 
TRP CG   C Y N 344 
TRP CD1  C Y N 345 
TRP CD2  C Y N 346 
TRP NE1  N Y N 347 
TRP CE2  C Y N 348 
TRP CE3  C Y N 349 
TRP CZ2  C Y N 350 
TRP CZ3  C Y N 351 
TRP CH2  C Y N 352 
TRP OXT  O N N 353 
TRP H    H N N 354 
TRP H2   H N N 355 
TRP HA   H N N 356 
TRP HB2  H N N 357 
TRP HB3  H N N 358 
TRP HD1  H N N 359 
TRP HE1  H N N 360 
TRP HE3  H N N 361 
TRP HZ2  H N N 362 
TRP HZ3  H N N 363 
TRP HH2  H N N 364 
TRP HXT  H N N 365 
TYR N    N N N 366 
TYR CA   C N S 367 
TYR C    C N N 368 
TYR O    O N N 369 
TYR CB   C N N 370 
TYR CG   C Y N 371 
TYR CD1  C Y N 372 
TYR CD2  C Y N 373 
TYR CE1  C Y N 374 
TYR CE2  C Y N 375 
TYR CZ   C Y N 376 
TYR OH   O N N 377 
TYR OXT  O N N 378 
TYR H    H N N 379 
TYR H2   H N N 380 
TYR HA   H N N 381 
TYR HB2  H N N 382 
TYR HB3  H N N 383 
TYR HD1  H N N 384 
TYR HD2  H N N 385 
TYR HE1  H N N 386 
TYR HE2  H N N 387 
TYR HH   H N N 388 
TYR HXT  H N N 389 
VAL N    N N N 390 
VAL CA   C N S 391 
VAL C    C N N 392 
VAL O    O N N 393 
VAL CB   C N N 394 
VAL CG1  C N N 395 
VAL CG2  C N N 396 
VAL OXT  O N N 397 
VAL H    H N N 398 
VAL H2   H N N 399 
VAL HA   H N N 400 
VAL HB   H N N 401 
VAL HG11 H N N 402 
VAL HG12 H N N 403 
VAL HG13 H N N 404 
VAL HG21 H N N 405 
VAL HG22 H N N 406 
VAL HG23 H N N 407 
VAL HXT  H N N 408 
# 
loop_
_chem_comp_bond.comp_id 
_chem_comp_bond.atom_id_1 
_chem_comp_bond.atom_id_2 
_chem_comp_bond.value_order 
_chem_comp_bond.pdbx_aromatic_flag 
_chem_comp_bond.pdbx_stereo_config 
_chem_comp_bond.pdbx_ordinal 
ALA N   CA   sing N N 1   
ALA N   H    sing N N 2   
ALA N   H2   sing N N 3   
ALA CA  C    sing N N 4   
ALA CA  CB   sing N N 5   
ALA CA  HA   sing N N 6   
ALA C   O    doub N N 7   
ALA C   OXT  sing N N 8   
ALA CB  HB1  sing N N 9   
ALA CB  HB2  sing N N 10  
ALA CB  HB3  sing N N 11  
ALA OXT HXT  sing N N 12  
ARG N   CA   sing N N 13  
ARG N   H    sing N N 14  
ARG N   H2   sing N N 15  
ARG CA  C    sing N N 16  
ARG CA  CB   sing N N 17  
ARG CA  HA   sing N N 18  
ARG C   O    doub N N 19  
ARG C   OXT  sing N N 20  
ARG CB  CG   sing N N 21  
ARG CB  HB2  sing N N 22  
ARG CB  HB3  sing N N 23  
ARG CG  CD   sing N N 24  
ARG CG  HG2  sing N N 25  
ARG CG  HG3  sing N N 26  
ARG CD  NE   sing N N 27  
ARG CD  HD2  sing N N 28  
ARG CD  HD3  sing N N 29  
ARG NE  CZ   sing N N 30  
ARG NE  HE   sing N N 31  
ARG CZ  NH1  sing N N 32  
ARG CZ  NH2  doub N N 33  
ARG NH1 HH11 sing N N 34  
ARG NH1 HH12 sing N N 35  
ARG NH2 HH21 sing N N 36  
ARG NH2 HH22 sing N N 37  
ARG OXT HXT  sing N N 38  
ASN N   CA   sing N N 39  
ASN N   H    sing N N 40  
ASN N   H2   sing N N 41  
ASN CA  C    sing N N 42  
ASN CA  CB   sing N N 43  
ASN CA  HA   sing N N 44  
ASN C   O    doub N N 45  
ASN C   OXT  sing N N 46  
ASN CB  CG   sing N N 47  
ASN CB  HB2  sing N N 48  
ASN CB  HB3  sing N N 49  
ASN CG  OD1  doub N N 50  
ASN CG  ND2  sing N N 51  
ASN ND2 HD21 sing N N 52  
ASN ND2 HD22 sing N N 53  
ASN OXT HXT  sing N N 54  
ASP N   CA   sing N N 55  
ASP N   H    sing N N 56  
ASP N   H2   sing N N 57  
ASP CA  C    sing N N 58  
ASP CA  CB   sing N N 59  
ASP CA  HA   sing N N 60  
ASP C   O    doub N N 61  
ASP C   OXT  sing N N 62  
ASP CB  CG   sing N N 63  
ASP CB  HB2  sing N N 64  
ASP CB  HB3  sing N N 65  
ASP CG  OD1  doub N N 66  
ASP CG  OD2  sing N N 67  
ASP OD2 HD2  sing N N 68  
ASP OXT HXT  sing N N 69  
CYS N   CA   sing N N 70  
CYS N   H    sing N N 71  
CYS N   H2   sing N N 72  
CYS CA  C    sing N N 73  
CYS CA  CB   sing N N 74  
CYS CA  HA   sing N N 75  
CYS C   O    doub N N 76  
CYS C   OXT  sing N N 77  
CYS CB  SG   sing N N 78  
CYS CB  HB2  sing N N 79  
CYS CB  HB3  sing N N 80  
CYS SG  HG   sing N N 81  
CYS OXT HXT  sing N N 82  
GLN N   CA   sing N N 83  
GLN N   H    sing N N 84  
GLN N   H2   sing N N 85  
GLN CA  C    sing N N 86  
GLN CA  CB   sing N N 87  
GLN CA  HA   sing N N 88  
GLN C   O    doub N N 89  
GLN C   OXT  sing N N 90  
GLN CB  CG   sing N N 91  
GLN CB  HB2  sing N N 92  
GLN CB  HB3  sing N N 93  
GLN CG  CD   sing N N 94  
GLN CG  HG2  sing N N 95  
GLN CG  HG3  sing N N 96  
GLN CD  OE1  doub N N 97  
GLN CD  NE2  sing N N 98  
GLN NE2 HE21 sing N N 99  
GLN NE2 HE22 sing N N 100 
GLN OXT HXT  sing N N 101 
GLU N   CA   sing N N 102 
GLU N   H    sing N N 103 
GLU N   H2   sing N N 104 
GLU CA  C    sing N N 105 
GLU CA  CB   sing N N 106 
GLU CA  HA   sing N N 107 
GLU C   O    doub N N 108 
GLU C   OXT  sing N N 109 
GLU CB  CG   sing N N 110 
GLU CB  HB2  sing N N 111 
GLU CB  HB3  sing N N 112 
GLU CG  CD   sing N N 113 
GLU CG  HG2  sing N N 114 
GLU CG  HG3  sing N N 115 
GLU CD  OE1  doub N N 116 
GLU CD  OE2  sing N N 117 
GLU OE2 HE2  sing N N 118 
GLU OXT HXT  sing N N 119 
GLY N   CA   sing N N 120 
GLY N   H    sing N N 121 
GLY N   H2   sing N N 122 
GLY CA  C    sing N N 123 
GLY CA  HA2  sing N N 124 
GLY CA  HA3  sing N N 125 
GLY C   O    doub N N 126 
GLY C   OXT  sing N N 127 
GLY OXT HXT  sing N N 128 
HIS N   CA   sing N N 129 
HIS N   H    sing N N 130 
HIS N   H2   sing N N 131 
HIS CA  C    sing N N 132 
HIS CA  CB   sing N N 133 
HIS CA  HA   sing N N 134 
HIS C   O    doub N N 135 
HIS C   OXT  sing N N 136 
HIS CB  CG   sing N N 137 
HIS CB  HB2  sing N N 138 
HIS CB  HB3  sing N N 139 
HIS CG  ND1  sing Y N 140 
HIS CG  CD2  doub Y N 141 
HIS ND1 CE1  doub Y N 142 
HIS ND1 HD1  sing N N 143 
HIS CD2 NE2  sing Y N 144 
HIS CD2 HD2  sing N N 145 
HIS CE1 NE2  sing Y N 146 
HIS CE1 HE1  sing N N 147 
HIS NE2 HE2  sing N N 148 
HIS OXT HXT  sing N N 149 
HOH O   H1   sing N N 150 
HOH O   H2   sing N N 151 
ILE N   CA   sing N N 152 
ILE N   H    sing N N 153 
ILE N   H2   sing N N 154 
ILE CA  C    sing N N 155 
ILE CA  CB   sing N N 156 
ILE CA  HA   sing N N 157 
ILE C   O    doub N N 158 
ILE C   OXT  sing N N 159 
ILE CB  CG1  sing N N 160 
ILE CB  CG2  sing N N 161 
ILE CB  HB   sing N N 162 
ILE CG1 CD1  sing N N 163 
ILE CG1 HG12 sing N N 164 
ILE CG1 HG13 sing N N 165 
ILE CG2 HG21 sing N N 166 
ILE CG2 HG22 sing N N 167 
ILE CG2 HG23 sing N N 168 
ILE CD1 HD11 sing N N 169 
ILE CD1 HD12 sing N N 170 
ILE CD1 HD13 sing N N 171 
ILE OXT HXT  sing N N 172 
LEU N   CA   sing N N 173 
LEU N   H    sing N N 174 
LEU N   H2   sing N N 175 
LEU CA  C    sing N N 176 
LEU CA  CB   sing N N 177 
LEU CA  HA   sing N N 178 
LEU C   O    doub N N 179 
LEU C   OXT  sing N N 180 
LEU CB  CG   sing N N 181 
LEU CB  HB2  sing N N 182 
LEU CB  HB3  sing N N 183 
LEU CG  CD1  sing N N 184 
LEU CG  CD2  sing N N 185 
LEU CG  HG   sing N N 186 
LEU CD1 HD11 sing N N 187 
LEU CD1 HD12 sing N N 188 
LEU CD1 HD13 sing N N 189 
LEU CD2 HD21 sing N N 190 
LEU CD2 HD22 sing N N 191 
LEU CD2 HD23 sing N N 192 
LEU OXT HXT  sing N N 193 
LYS N   CA   sing N N 194 
LYS N   H    sing N N 195 
LYS N   H2   sing N N 196 
LYS CA  C    sing N N 197 
LYS CA  CB   sing N N 198 
LYS CA  HA   sing N N 199 
LYS C   O    doub N N 200 
LYS C   OXT  sing N N 201 
LYS CB  CG   sing N N 202 
LYS CB  HB2  sing N N 203 
LYS CB  HB3  sing N N 204 
LYS CG  CD   sing N N 205 
LYS CG  HG2  sing N N 206 
LYS CG  HG3  sing N N 207 
LYS CD  CE   sing N N 208 
LYS CD  HD2  sing N N 209 
LYS CD  HD3  sing N N 210 
LYS CE  NZ   sing N N 211 
LYS CE  HE2  sing N N 212 
LYS CE  HE3  sing N N 213 
LYS NZ  HZ1  sing N N 214 
LYS NZ  HZ2  sing N N 215 
LYS NZ  HZ3  sing N N 216 
LYS OXT HXT  sing N N 217 
MET N   CA   sing N N 218 
MET N   H    sing N N 219 
MET N   H2   sing N N 220 
MET CA  C    sing N N 221 
MET CA  CB   sing N N 222 
MET CA  HA   sing N N 223 
MET C   O    doub N N 224 
MET C   OXT  sing N N 225 
MET CB  CG   sing N N 226 
MET CB  HB2  sing N N 227 
MET CB  HB3  sing N N 228 
MET CG  SD   sing N N 229 
MET CG  HG2  sing N N 230 
MET CG  HG3  sing N N 231 
MET SD  CE   sing N N 232 
MET CE  HE1  sing N N 233 
MET CE  HE2  sing N N 234 
MET CE  HE3  sing N N 235 
MET OXT HXT  sing N N 236 
MNB C6  C1   doub Y N 237 
MNB C6  C5   sing Y N 238 
MNB C6  HC6  sing N N 239 
MNB C1  C2   sing Y N 240 
MNB C1  C10  sing N N 241 
MNB C2  C3   doub Y N 242 
MNB C2  N7   sing N N 243 
MNB C3  C4   sing Y N 244 
MNB C3  HC3  sing N N 245 
MNB C4  C5   doub Y N 246 
MNB C4  HC4  sing N N 247 
MNB C5  S5   sing N N 248 
MNB S5  HS5  sing N N 249 
MNB C10 O12  sing N N 250 
MNB C10 O11  doub N N 251 
MNB O12 H12  sing N N 252 
MNB N7  O9   doub N N 253 
MNB N7  O8   sing N N 254 
PHE N   CA   sing N N 255 
PHE N   H    sing N N 256 
PHE N   H2   sing N N 257 
PHE CA  C    sing N N 258 
PHE CA  CB   sing N N 259 
PHE CA  HA   sing N N 260 
PHE C   O    doub N N 261 
PHE C   OXT  sing N N 262 
PHE CB  CG   sing N N 263 
PHE CB  HB2  sing N N 264 
PHE CB  HB3  sing N N 265 
PHE CG  CD1  doub Y N 266 
PHE CG  CD2  sing Y N 267 
PHE CD1 CE1  sing Y N 268 
PHE CD1 HD1  sing N N 269 
PHE CD2 CE2  doub Y N 270 
PHE CD2 HD2  sing N N 271 
PHE CE1 CZ   doub Y N 272 
PHE CE1 HE1  sing N N 273 
PHE CE2 CZ   sing Y N 274 
PHE CE2 HE2  sing N N 275 
PHE CZ  HZ   sing N N 276 
PHE OXT HXT  sing N N 277 
PRO N   CA   sing N N 278 
PRO N   CD   sing N N 279 
PRO N   H    sing N N 280 
PRO CA  C    sing N N 281 
PRO CA  CB   sing N N 282 
PRO CA  HA   sing N N 283 
PRO C   O    doub N N 284 
PRO C   OXT  sing N N 285 
PRO CB  CG   sing N N 286 
PRO CB  HB2  sing N N 287 
PRO CB  HB3  sing N N 288 
PRO CG  CD   sing N N 289 
PRO CG  HG2  sing N N 290 
PRO CG  HG3  sing N N 291 
PRO CD  HD2  sing N N 292 
PRO CD  HD3  sing N N 293 
PRO OXT HXT  sing N N 294 
SER N   CA   sing N N 295 
SER N   H    sing N N 296 
SER N   H2   sing N N 297 
SER CA  C    sing N N 298 
SER CA  CB   sing N N 299 
SER CA  HA   sing N N 300 
SER C   O    doub N N 301 
SER C   OXT  sing N N 302 
SER CB  OG   sing N N 303 
SER CB  HB2  sing N N 304 
SER CB  HB3  sing N N 305 
SER OG  HG   sing N N 306 
SER OXT HXT  sing N N 307 
THR N   CA   sing N N 308 
THR N   H    sing N N 309 
THR N   H2   sing N N 310 
THR CA  C    sing N N 311 
THR CA  CB   sing N N 312 
THR CA  HA   sing N N 313 
THR C   O    doub N N 314 
THR C   OXT  sing N N 315 
THR CB  OG1  sing N N 316 
THR CB  CG2  sing N N 317 
THR CB  HB   sing N N 318 
THR OG1 HG1  sing N N 319 
THR CG2 HG21 sing N N 320 
THR CG2 HG22 sing N N 321 
THR CG2 HG23 sing N N 322 
THR OXT HXT  sing N N 323 
TRP N   CA   sing N N 324 
TRP N   H    sing N N 325 
TRP N   H2   sing N N 326 
TRP CA  C    sing N N 327 
TRP CA  CB   sing N N 328 
TRP CA  HA   sing N N 329 
TRP C   O    doub N N 330 
TRP C   OXT  sing N N 331 
TRP CB  CG   sing N N 332 
TRP CB  HB2  sing N N 333 
TRP CB  HB3  sing N N 334 
TRP CG  CD1  doub Y N 335 
TRP CG  CD2  sing Y N 336 
TRP CD1 NE1  sing Y N 337 
TRP CD1 HD1  sing N N 338 
TRP CD2 CE2  doub Y N 339 
TRP CD2 CE3  sing Y N 340 
TRP NE1 CE2  sing Y N 341 
TRP NE1 HE1  sing N N 342 
TRP CE2 CZ2  sing Y N 343 
TRP CE3 CZ3  doub Y N 344 
TRP CE3 HE3  sing N N 345 
TRP CZ2 CH2  doub Y N 346 
TRP CZ2 HZ2  sing N N 347 
TRP CZ3 CH2  sing Y N 348 
TRP CZ3 HZ3  sing N N 349 
TRP CH2 HH2  sing N N 350 
TRP OXT HXT  sing N N 351 
TYR N   CA   sing N N 352 
TYR N   H    sing N N 353 
TYR N   H2   sing N N 354 
TYR CA  C    sing N N 355 
TYR CA  CB   sing N N 356 
TYR CA  HA   sing N N 357 
TYR C   O    doub N N 358 
TYR C   OXT  sing N N 359 
TYR CB  CG   sing N N 360 
TYR CB  HB2  sing N N 361 
TYR CB  HB3  sing N N 362 
TYR CG  CD1  doub Y N 363 
TYR CG  CD2  sing Y N 364 
TYR CD1 CE1  sing Y N 365 
TYR CD1 HD1  sing N N 366 
TYR CD2 CE2  doub Y N 367 
TYR CD2 HD2  sing N N 368 
TYR CE1 CZ   doub Y N 369 
TYR CE1 HE1  sing N N 370 
TYR CE2 CZ   sing Y N 371 
TYR CE2 HE2  sing N N 372 
TYR CZ  OH   sing N N 373 
TYR OH  HH   sing N N 374 
TYR OXT HXT  sing N N 375 
VAL N   CA   sing N N 376 
VAL N   H    sing N N 377 
VAL N   H2   sing N N 378 
VAL CA  C    sing N N 379 
VAL CA  CB   sing N N 380 
VAL CA  HA   sing N N 381 
VAL C   O    doub N N 382 
VAL C   OXT  sing N N 383 
VAL CB  CG1  sing N N 384 
VAL CB  CG2  sing N N 385 
VAL CB  HB   sing N N 386 
VAL CG1 HG11 sing N N 387 
VAL CG1 HG12 sing N N 388 
VAL CG1 HG13 sing N N 389 
VAL CG2 HG21 sing N N 390 
VAL CG2 HG22 sing N N 391 
VAL CG2 HG23 sing N N 392 
VAL OXT HXT  sing N N 393 
# 
loop_
_pdbx_entity_nonpoly.entity_id 
_pdbx_entity_nonpoly.name 
_pdbx_entity_nonpoly.comp_id 
2 '5-MERCAPTO-2-NITRO-BENZOIC ACID' MNB 
3 water                             HOH 
# 
_pdbx_initial_refinement_model.id               1 
_pdbx_initial_refinement_model.entity_id_list   ? 
_pdbx_initial_refinement_model.type             'experimental model' 
_pdbx_initial_refinement_model.source_name      PDB 
_pdbx_initial_refinement_model.accession_code   1NGR 
_pdbx_initial_refinement_model.details          ? 
# 
